data_6DX9
#
_entry.id   6DX9
#
_cell.length_a   52.954
_cell.length_b   112.764
_cell.length_c   130.803
_cell.angle_alpha   90.000
_cell.angle_beta   90.000
_cell.angle_gamma   90.000
#
_symmetry.space_group_name_H-M   'P 21 21 21'
#
loop_
_entity.id
_entity.type
_entity.pdbx_description
1 polymer 'Chalcone synthase'
2 water water
#
_entity_poly.entity_id   1
_entity_poly.type   'polypeptide(L)'
_entity_poly.pdbx_seq_one_letter_code
;MTVLEESADASSRRLAQRANGPATVLAIGTANPANVFEQSSYPDFYFDITNSQHMTELKLKFSRMCQKSGIKKRYMHLNS
EILKANPSLCAYWEKSLDVRQDIAVVEVPKLGKEASLKAIKEWGQPKSKITHLVFCTTSGVDMPGADWALTKLLGLRPSV
KRLMMYQQG(CSD)FAGGTVLRVAKDVAENNKGARVLVVCSEITCVTFRGPSETHLDSLVGQALFGDGAAAVILGSDPLP
EENPCFELHWSGSNILPDSDGAIDGHLREVGLTFHLMKDVPGIISKNIGKVLNDAFRSAFDESGNAEDRPASVNDIFWIA
HPGGPAILDQVEEKMKLAPEKMRATRDVLSEYGNMSSACVLFIMDHMRRMSAQNKLQTTGEGLDWGVLLGFGPGLTVETV
LLKSIRLAC
;
_entity_poly.pdbx_strand_id   A,B
#
# COMPACT_ATOMS: atom_id res chain seq x y z
N ARG A 14 13.32 17.22 -16.30
CA ARG A 14 13.26 16.86 -14.89
C ARG A 14 14.19 15.67 -14.59
N LEU A 15 15.13 15.41 -15.51
CA LEU A 15 16.11 14.30 -15.43
C LEU A 15 15.51 12.90 -15.64
N ALA A 16 14.21 12.82 -15.85
CA ALA A 16 13.55 11.55 -16.13
C ALA A 16 12.38 11.80 -17.08
N GLN A 17 12.43 11.19 -18.26
CA GLN A 17 11.45 11.46 -19.30
C GLN A 17 10.09 10.81 -18.99
N ARG A 18 9.04 11.51 -19.42
CA ARG A 18 7.67 11.01 -19.28
C ARG A 18 7.16 10.42 -20.58
N ALA A 19 6.10 9.63 -20.49
CA ALA A 19 5.49 9.00 -21.66
C ALA A 19 4.51 9.96 -22.30
N ASN A 20 4.06 9.65 -23.51
CA ASN A 20 3.20 10.56 -24.26
C ASN A 20 1.71 10.23 -24.12
N GLY A 21 1.34 9.00 -24.44
CA GLY A 21 -0.05 8.60 -24.55
C GLY A 21 -0.68 8.03 -23.30
N PRO A 22 -1.98 7.71 -23.39
CA PRO A 22 -2.68 7.15 -22.22
C PRO A 22 -2.19 5.76 -21.82
N ALA A 23 -2.22 5.49 -20.52
CA ALA A 23 -1.92 4.16 -20.02
C ALA A 23 -2.84 3.13 -20.66
N THR A 24 -2.23 2.10 -21.22
CA THR A 24 -2.94 1.10 -22.00
C THR A 24 -2.76 -0.31 -21.42
N VAL A 25 -3.86 -1.04 -21.32
CA VAL A 25 -3.81 -2.45 -20.95
C VAL A 25 -3.32 -3.25 -22.16
N LEU A 26 -2.26 -4.03 -21.97
CA LEU A 26 -1.60 -4.76 -23.03
C LEU A 26 -1.72 -6.28 -22.90
N ALA A 27 -2.17 -6.75 -21.74
CA ALA A 27 -2.34 -8.17 -21.50
C ALA A 27 -3.09 -8.36 -20.17
N ILE A 28 -3.85 -9.45 -20.08
CA ILE A 28 -4.53 -9.82 -18.84
C ILE A 28 -4.43 -11.33 -18.69
N GLY A 29 -3.96 -11.79 -17.54
CA GLY A 29 -3.94 -13.21 -17.21
C GLY A 29 -4.63 -13.45 -15.88
N THR A 30 -5.24 -14.62 -15.73
CA THR A 30 -5.93 -14.94 -14.48
C THR A 30 -5.61 -16.37 -14.04
N ALA A 31 -5.78 -16.60 -12.73
CA ALA A 31 -5.55 -17.91 -12.15
C ALA A 31 -6.47 -18.10 -10.96
N ASN A 32 -6.76 -19.35 -10.66
CA ASN A 32 -7.53 -19.73 -9.47
C ASN A 32 -6.98 -21.03 -8.91
N PRO A 33 -7.21 -21.28 -7.61
CA PRO A 33 -6.84 -22.58 -7.06
C PRO A 33 -7.56 -23.74 -7.72
N ALA A 34 -7.04 -24.94 -7.53
CA ALA A 34 -7.51 -26.09 -8.27
C ALA A 34 -8.83 -26.66 -7.72
N ASN A 35 -9.16 -26.39 -6.46
CA ASN A 35 -10.33 -26.98 -5.83
C ASN A 35 -11.60 -26.20 -6.17
N VAL A 36 -12.57 -26.88 -6.78
CA VAL A 36 -13.84 -26.26 -7.21
C VAL A 36 -14.95 -26.57 -6.21
N PHE A 37 -15.68 -25.53 -5.80
CA PHE A 37 -16.80 -25.70 -4.87
C PHE A 37 -18.08 -25.22 -5.54
N GLU A 38 -18.89 -26.19 -5.95
CA GLU A 38 -20.19 -25.89 -6.52
C GLU A 38 -21.06 -25.32 -5.42
N GLN A 39 -21.73 -24.22 -5.73
CA GLN A 39 -22.48 -23.51 -4.71
C GLN A 39 -23.67 -24.33 -4.22
N SER A 40 -24.29 -25.12 -5.10
CA SER A 40 -25.44 -25.95 -4.72
C SER A 40 -25.08 -26.91 -3.60
N SER A 41 -23.81 -27.31 -3.51
CA SER A 41 -23.40 -28.27 -2.49
C SER A 41 -22.55 -27.66 -1.39
N TYR A 42 -22.36 -26.35 -1.43
CA TYR A 42 -21.46 -25.74 -0.48
C TYR A 42 -22.01 -25.76 0.97
N PRO A 43 -23.32 -25.51 1.16
CA PRO A 43 -23.80 -25.61 2.56
C PRO A 43 -23.49 -26.98 3.18
N ASP A 44 -23.66 -28.06 2.43
CA ASP A 44 -23.33 -29.39 2.91
C ASP A 44 -21.85 -29.49 3.27
N PHE A 45 -20.98 -29.08 2.36
CA PHE A 45 -19.54 -29.18 2.61
C PHE A 45 -19.16 -28.38 3.85
N TYR A 46 -19.67 -27.15 3.89
CA TYR A 46 -19.27 -26.17 4.90
C TYR A 46 -19.76 -26.60 6.29
N PHE A 47 -21.03 -27.00 6.43
CA PHE A 47 -21.50 -27.41 7.75
C PHE A 47 -20.90 -28.76 8.16
N ASP A 48 -20.51 -29.59 7.20
CA ASP A 48 -19.87 -30.87 7.53
C ASP A 48 -18.43 -30.65 8.03
N ILE A 49 -17.64 -29.87 7.28
CA ILE A 49 -16.22 -29.73 7.59
C ILE A 49 -16.02 -28.93 8.88
N THR A 50 -17.00 -28.11 9.25
CA THR A 50 -16.94 -27.35 10.50
C THR A 50 -17.68 -28.01 11.66
N ASN A 51 -18.05 -29.28 11.47
CA ASN A 51 -18.68 -30.08 12.52
C ASN A 51 -19.94 -29.43 13.09
N SER A 52 -20.72 -28.83 12.20
CA SER A 52 -21.88 -28.05 12.60
C SER A 52 -23.18 -28.64 12.07
N GLN A 53 -23.16 -29.93 11.75
CA GLN A 53 -24.33 -30.60 11.15
C GLN A 53 -25.60 -30.48 12.00
N HIS A 54 -25.43 -30.36 13.31
CA HIS A 54 -26.55 -30.29 14.26
C HIS A 54 -27.26 -28.94 14.23
N MET A 55 -26.66 -27.95 13.59
CA MET A 55 -27.22 -26.60 13.52
C MET A 55 -28.17 -26.52 12.33
N THR A 56 -29.28 -27.24 12.41
CA THR A 56 -30.13 -27.43 11.25
C THR A 56 -30.77 -26.13 10.79
N GLU A 57 -31.22 -25.29 11.73
CA GLU A 57 -31.85 -24.02 11.35
C GLU A 57 -30.83 -23.07 10.74
N LEU A 58 -29.62 -23.03 11.28
CA LEU A 58 -28.61 -22.13 10.73
C LEU A 58 -28.19 -22.60 9.34
N LYS A 59 -28.14 -23.92 9.15
CA LYS A 59 -27.78 -24.47 7.84
C LYS A 59 -28.83 -24.14 6.80
N LEU A 60 -30.11 -24.21 7.19
CA LEU A 60 -31.20 -23.79 6.31
C LEU A 60 -31.01 -22.31 5.91
N LYS A 61 -30.69 -21.47 6.88
CA LYS A 61 -30.45 -20.06 6.59
C LYS A 61 -29.30 -19.86 5.62
N PHE A 62 -28.21 -20.57 5.87
CA PHE A 62 -27.05 -20.45 5.01
C PHE A 62 -27.35 -20.96 3.61
N SER A 63 -28.17 -22.01 3.52
CA SER A 63 -28.54 -22.53 2.20
C SER A 63 -29.28 -21.48 1.41
N ARG A 64 -30.20 -20.76 2.06
CA ARG A 64 -30.91 -19.66 1.42
C ARG A 64 -29.92 -18.56 1.00
N MET A 65 -28.92 -18.28 1.82
CA MET A 65 -27.93 -17.25 1.49
C MET A 65 -27.20 -17.65 0.21
N CYS A 66 -26.78 -18.90 0.14
CA CYS A 66 -26.06 -19.39 -1.03
C CYS A 66 -26.97 -19.42 -2.28
N GLN A 67 -28.24 -19.77 -2.11
CA GLN A 67 -29.18 -19.80 -3.22
C GLN A 67 -29.44 -18.39 -3.78
N LYS A 68 -29.26 -17.38 -2.95
CA LYS A 68 -29.50 -15.98 -3.32
C LYS A 68 -28.22 -15.22 -3.64
N SER A 69 -27.11 -15.93 -3.80
CA SER A 69 -25.81 -15.28 -3.89
C SER A 69 -25.43 -14.87 -5.30
N GLY A 70 -26.10 -15.41 -6.31
CA GLY A 70 -25.72 -15.14 -7.68
C GLY A 70 -24.51 -15.93 -8.14
N ILE A 71 -24.09 -16.89 -7.32
CA ILE A 71 -22.87 -17.66 -7.53
C ILE A 71 -23.20 -19.13 -7.84
N LYS A 72 -22.63 -19.65 -8.93
CA LYS A 72 -22.74 -21.07 -9.23
C LYS A 72 -21.56 -21.88 -8.71
N LYS A 73 -20.36 -21.28 -8.74
CA LYS A 73 -19.19 -21.96 -8.20
C LYS A 73 -18.09 -20.98 -7.81
N ARG A 74 -17.20 -21.49 -6.96
CA ARG A 74 -16.00 -20.80 -6.52
C ARG A 74 -14.81 -21.75 -6.52
N TYR A 75 -13.62 -21.16 -6.52
CA TYR A 75 -12.35 -21.88 -6.38
C TYR A 75 -11.74 -21.46 -5.06
N MET A 76 -11.27 -22.43 -4.28
N MET A 76 -11.26 -22.43 -4.27
CA MET A 76 -10.59 -22.11 -3.02
CA MET A 76 -10.60 -22.09 -3.02
C MET A 76 -9.38 -23.01 -2.83
C MET A 76 -9.41 -23.01 -2.76
N HIS A 77 -8.33 -22.42 -2.27
CA HIS A 77 -7.17 -23.16 -1.83
C HIS A 77 -7.49 -24.05 -0.63
N LEU A 78 -8.28 -23.53 0.30
CA LEU A 78 -8.72 -24.35 1.41
C LEU A 78 -9.50 -25.55 0.87
N ASN A 79 -9.31 -26.70 1.49
CA ASN A 79 -10.02 -27.90 1.13
C ASN A 79 -10.13 -28.77 2.39
N SER A 80 -10.71 -29.95 2.27
CA SER A 80 -11.00 -30.75 3.46
C SER A 80 -9.69 -31.14 4.13
N GLU A 81 -8.67 -31.42 3.34
CA GLU A 81 -7.39 -31.87 3.90
C GLU A 81 -6.75 -30.78 4.76
N ILE A 82 -6.67 -29.57 4.23
CA ILE A 82 -6.08 -28.46 4.95
C ILE A 82 -6.92 -28.08 6.17
N LEU A 83 -8.24 -28.12 6.05
CA LEU A 83 -9.09 -27.73 7.15
C LEU A 83 -9.05 -28.76 8.29
N LYS A 84 -8.96 -30.04 7.95
CA LYS A 84 -8.81 -31.07 8.98
C LYS A 84 -7.45 -30.94 9.70
N ALA A 85 -6.43 -30.49 8.97
CA ALA A 85 -5.10 -30.35 9.54
C ALA A 85 -4.98 -29.09 10.41
N ASN A 86 -5.94 -28.19 10.28
CA ASN A 86 -5.92 -26.91 10.95
C ASN A 86 -7.27 -26.58 11.59
N PRO A 87 -7.62 -27.28 12.67
CA PRO A 87 -8.95 -27.18 13.25
C PRO A 87 -9.34 -25.79 13.75
N SER A 88 -8.37 -24.92 14.07
CA SER A 88 -8.72 -23.58 14.53
C SER A 88 -9.41 -22.76 13.43
N LEU A 89 -9.25 -23.17 12.18
CA LEU A 89 -9.94 -22.52 11.07
C LEU A 89 -11.41 -22.91 11.01
N CYS A 90 -11.74 -24.08 11.57
CA CYS A 90 -13.08 -24.63 11.46
C CYS A 90 -13.99 -24.18 12.60
N ALA A 91 -13.37 -23.70 13.66
CA ALA A 91 -14.12 -23.17 14.79
C ALA A 91 -14.71 -21.84 14.40
N TYR A 92 -15.73 -21.41 15.13
CA TYR A 92 -16.38 -20.18 14.76
C TYR A 92 -15.66 -18.93 15.23
N TRP A 93 -14.83 -19.01 16.29
CA TRP A 93 -14.15 -17.83 16.83
C TRP A 93 -12.95 -18.22 17.70
N GLU A 94 -12.01 -18.94 17.10
CA GLU A 94 -10.81 -19.41 17.76
C GLU A 94 -9.62 -18.59 17.26
N LYS A 95 -8.67 -18.33 18.15
CA LYS A 95 -7.43 -17.66 17.73
C LYS A 95 -6.75 -18.56 16.68
N SER A 96 -6.45 -17.96 15.53
CA SER A 96 -6.05 -18.70 14.35
C SER A 96 -5.26 -17.85 13.35
N LEU A 97 -4.92 -16.62 13.70
CA LEU A 97 -4.25 -15.74 12.74
C LEU A 97 -2.89 -16.29 12.32
N ASP A 98 -2.16 -16.90 13.24
CA ASP A 98 -0.84 -17.45 12.88
C ASP A 98 -0.92 -18.46 11.73
N VAL A 99 -1.89 -19.41 11.81
CA VAL A 99 -2.10 -20.39 10.77
C VAL A 99 -2.54 -19.72 9.46
N ARG A 100 -3.43 -18.75 9.58
CA ARG A 100 -3.94 -18.05 8.41
C ARG A 100 -2.81 -17.32 7.68
N GLN A 101 -1.94 -16.67 8.45
CA GLN A 101 -0.78 -15.97 7.90
C GLN A 101 0.18 -16.97 7.22
N ASP A 102 0.43 -18.10 7.88
CA ASP A 102 1.30 -19.14 7.33
C ASP A 102 0.85 -19.57 5.95
N ILE A 103 -0.46 -19.75 5.79
CA ILE A 103 -1.02 -20.14 4.51
C ILE A 103 -0.93 -18.99 3.51
N ALA A 104 -1.39 -17.81 3.90
CA ALA A 104 -1.53 -16.69 2.98
C ALA A 104 -0.21 -16.17 2.43
N VAL A 105 0.83 -16.14 3.26
CA VAL A 105 2.07 -15.51 2.81
C VAL A 105 2.69 -16.31 1.67
N VAL A 106 2.33 -17.59 1.56
CA VAL A 106 2.80 -18.44 0.46
C VAL A 106 1.80 -18.45 -0.68
N GLU A 107 0.53 -18.65 -0.38
CA GLU A 107 -0.47 -18.83 -1.44
C GLU A 107 -0.74 -17.56 -2.25
N VAL A 108 -0.70 -16.39 -1.62
CA VAL A 108 -1.03 -15.15 -2.32
C VAL A 108 -0.03 -14.87 -3.46
N PRO A 109 1.28 -14.85 -3.18
CA PRO A 109 2.19 -14.66 -4.33
C PRO A 109 2.25 -15.83 -5.31
N LYS A 110 2.01 -17.06 -4.86
CA LYS A 110 1.95 -18.21 -5.76
C LYS A 110 0.85 -18.05 -6.79
N LEU A 111 -0.34 -17.69 -6.33
CA LEU A 111 -1.45 -17.51 -7.26
C LEU A 111 -1.17 -16.30 -8.16
N GLY A 112 -0.56 -15.25 -7.62
CA GLY A 112 -0.18 -14.09 -8.41
C GLY A 112 0.83 -14.45 -9.50
N LYS A 113 1.76 -15.34 -9.19
CA LYS A 113 2.71 -15.84 -10.18
C LYS A 113 2.02 -16.55 -11.33
N GLU A 114 1.03 -17.37 -11.00
CA GLU A 114 0.36 -18.16 -12.03
C GLU A 114 -0.35 -17.20 -12.99
N ALA A 115 -1.02 -16.19 -12.45
CA ALA A 115 -1.70 -15.20 -13.27
C ALA A 115 -0.68 -14.38 -14.07
N SER A 116 0.42 -13.99 -13.44
CA SER A 116 1.41 -13.14 -14.10
C SER A 116 2.08 -13.87 -15.26
N LEU A 117 2.36 -15.16 -15.11
CA LEU A 117 3.02 -15.90 -16.19
C LEU A 117 2.11 -15.92 -17.42
N LYS A 118 0.80 -16.05 -17.20
CA LYS A 118 -0.13 -16.06 -18.32
C LYS A 118 -0.20 -14.69 -18.98
N ALA A 119 -0.21 -13.62 -18.19
CA ALA A 119 -0.22 -12.25 -18.74
C ALA A 119 1.04 -11.99 -19.56
N ILE A 120 2.18 -12.38 -19.02
CA ILE A 120 3.46 -12.15 -19.69
C ILE A 120 3.54 -12.95 -21.00
N LYS A 121 3.01 -14.17 -21.00
CA LYS A 121 2.98 -14.98 -22.23
C LYS A 121 2.14 -14.30 -23.31
N GLU A 122 0.97 -13.78 -22.92
CA GLU A 122 0.13 -13.05 -23.85
C GLU A 122 0.84 -11.84 -24.42
N TRP A 123 1.39 -11.03 -23.52
CA TRP A 123 2.11 -9.81 -23.85
C TRP A 123 3.18 -10.07 -24.88
N GLY A 124 3.97 -11.12 -24.64
CA GLY A 124 4.94 -11.59 -25.61
C GLY A 124 6.30 -10.90 -25.57
N GLN A 125 6.47 -10.02 -24.60
CA GLN A 125 7.74 -9.35 -24.37
C GLN A 125 8.49 -10.04 -23.26
N PRO A 126 9.82 -9.85 -23.22
CA PRO A 126 10.59 -10.44 -22.12
C PRO A 126 10.24 -9.83 -20.78
N LYS A 127 10.19 -10.65 -19.72
CA LYS A 127 9.84 -10.20 -18.40
C LYS A 127 10.84 -9.16 -17.88
N SER A 128 12.05 -9.14 -18.44
CA SER A 128 13.03 -8.14 -18.06
C SER A 128 12.59 -6.71 -18.40
N LYS A 129 11.61 -6.56 -19.28
CA LYS A 129 11.11 -5.23 -19.65
C LYS A 129 10.10 -4.66 -18.64
N ILE A 130 9.71 -5.47 -17.64
CA ILE A 130 8.80 -4.99 -16.57
C ILE A 130 9.65 -4.12 -15.65
N THR A 131 9.24 -2.85 -15.51
CA THR A 131 9.97 -1.85 -14.75
C THR A 131 9.36 -1.58 -13.39
N HIS A 132 8.07 -1.87 -13.26
CA HIS A 132 7.28 -1.55 -12.08
C HIS A 132 6.33 -2.69 -11.77
N LEU A 133 6.01 -2.84 -10.49
CA LEU A 133 5.06 -3.84 -10.02
C LEU A 133 4.14 -3.21 -9.00
N VAL A 134 2.84 -3.34 -9.20
CA VAL A 134 1.81 -2.98 -8.24
C VAL A 134 1.16 -4.29 -7.79
N PHE A 135 1.21 -4.57 -6.50
CA PHE A 135 0.67 -5.84 -5.97
C PHE A 135 -0.36 -5.51 -4.89
N CYS A 136 -1.54 -6.09 -5.02
CA CYS A 136 -2.65 -5.79 -4.14
C CYS A 136 -3.23 -7.09 -3.57
N THR A 137 -3.35 -7.17 -2.25
CA THR A 137 -4.07 -8.27 -1.59
C THR A 137 -4.63 -7.79 -0.26
N THR A 138 -5.73 -8.41 0.17
CA THR A 138 -6.30 -8.23 1.51
C THR A 138 -6.16 -9.52 2.35
N SER A 139 -5.31 -10.43 1.89
CA SER A 139 -5.16 -11.74 2.53
C SER A 139 -3.78 -11.82 3.10
N GLY A 140 -3.66 -11.39 4.34
CA GLY A 140 -2.37 -11.46 5.00
C GLY A 140 -1.46 -10.28 4.74
N VAL A 141 -0.41 -10.19 5.55
CA VAL A 141 0.60 -9.18 5.42
C VAL A 141 1.90 -9.82 5.91
N ASP A 142 3.03 -9.36 5.38
CA ASP A 142 4.33 -9.92 5.72
C ASP A 142 5.40 -8.95 5.24
N MET A 143 6.63 -9.07 5.78
CA MET A 143 7.78 -8.25 5.40
C MET A 143 8.99 -9.14 5.14
N PRO A 144 9.61 -9.07 3.96
CA PRO A 144 9.15 -8.37 2.75
C PRO A 144 7.77 -8.84 2.33
N GLY A 145 7.07 -8.01 1.56
CA GLY A 145 5.72 -8.30 1.14
C GLY A 145 5.57 -9.23 -0.06
N ALA A 146 4.33 -9.47 -0.43
CA ALA A 146 3.99 -10.33 -1.57
C ALA A 146 4.57 -9.79 -2.87
N ASP A 147 4.80 -8.47 -2.93
CA ASP A 147 5.49 -7.88 -4.08
C ASP A 147 6.92 -8.40 -4.26
N TRP A 148 7.64 -8.44 -3.15
CA TRP A 148 9.00 -8.98 -3.12
C TRP A 148 9.00 -10.46 -3.44
N ALA A 149 8.07 -11.19 -2.83
CA ALA A 149 7.94 -12.61 -3.08
C ALA A 149 7.70 -12.91 -4.56
N LEU A 150 6.78 -12.15 -5.17
CA LEU A 150 6.50 -12.36 -6.59
C LEU A 150 7.70 -12.02 -7.45
N THR A 151 8.38 -10.93 -7.11
CA THR A 151 9.62 -10.56 -7.81
C THR A 151 10.60 -11.74 -7.84
N LYS A 152 10.74 -12.42 -6.69
CA LYS A 152 11.64 -13.56 -6.62
C LYS A 152 11.10 -14.76 -7.42
N LEU A 153 9.81 -15.07 -7.26
CA LEU A 153 9.21 -16.20 -7.98
C LEU A 153 9.28 -16.05 -9.49
N LEU A 154 9.06 -14.84 -9.99
CA LEU A 154 9.11 -14.58 -11.45
C LEU A 154 10.47 -14.28 -12.01
N GLY A 155 11.42 -13.94 -11.15
CA GLY A 155 12.73 -13.50 -11.63
C GLY A 155 12.70 -12.14 -12.32
N LEU A 156 11.91 -11.22 -11.79
CA LEU A 156 11.90 -9.85 -12.29
C LEU A 156 13.22 -9.16 -11.96
N ARG A 157 13.50 -8.07 -12.67
CA ARG A 157 14.75 -7.33 -12.41
C ARG A 157 14.78 -6.93 -10.94
N PRO A 158 15.95 -7.06 -10.30
CA PRO A 158 16.01 -6.69 -8.87
C PRO A 158 15.82 -5.20 -8.61
N SER A 159 15.88 -4.38 -9.66
CA SER A 159 15.61 -2.96 -9.55
C SER A 159 14.16 -2.60 -9.90
N VAL A 160 13.27 -3.60 -9.94
CA VAL A 160 11.85 -3.33 -10.18
C VAL A 160 11.31 -2.40 -9.12
N LYS A 161 10.54 -1.39 -9.52
CA LYS A 161 9.97 -0.42 -8.58
C LYS A 161 8.59 -0.88 -8.16
N ARG A 162 8.43 -1.17 -6.88
CA ARG A 162 7.25 -1.85 -6.35
C ARG A 162 6.32 -0.95 -5.55
N LEU A 163 5.03 -1.22 -5.68
CA LEU A 163 3.98 -0.56 -4.92
C LEU A 163 3.13 -1.68 -4.31
N MET A 164 3.33 -1.93 -3.02
CA MET A 164 2.65 -3.01 -2.28
C MET A 164 1.44 -2.44 -1.54
N MET A 165 0.26 -2.92 -1.91
CA MET A 165 -1.01 -2.44 -1.38
C MET A 165 -1.73 -3.55 -0.62
N TYR A 166 -1.58 -3.50 0.70
CA TYR A 166 -2.17 -4.48 1.62
C TYR A 166 -3.46 -3.95 2.25
N GLN A 167 -4.39 -4.88 2.43
CA GLN A 167 -5.52 -4.72 3.37
C GLN A 167 -6.54 -3.66 2.93
N GLN A 168 -6.71 -3.43 1.62
CA GLN A 168 -7.66 -2.40 1.20
C GLN A 168 -9.06 -2.94 0.96
N GLY A 169 -9.19 -4.22 0.65
CA GLY A 169 -10.50 -4.78 0.39
C GLY A 169 -11.01 -4.55 -1.02
N CSD A 170 -12.34 -4.52 -1.11
CA CSD A 170 -12.97 -4.82 -2.37
CB CSD A 170 -14.42 -5.29 -2.17
SG CSD A 170 -14.57 -6.99 -1.66
C CSD A 170 -12.99 -3.72 -3.42
O CSD A 170 -13.40 -3.93 -4.56
OD1 CSD A 170 -16.05 -7.21 -1.74
OD2 CSD A 170 -14.21 -6.91 -0.04
H CSD A 170 -12.99 -4.29 -0.38
HA CSD A 170 -12.39 -5.67 -2.84
HB2 CSD A 170 -15.00 -5.11 -3.12
HB3 CSD A 170 -14.90 -4.63 -1.40
HD2 CSD A 170 -14.95 -6.57 0.49
N PHE A 171 -12.57 -2.51 -3.07
CA PHE A 171 -12.53 -1.42 -4.06
C PHE A 171 -11.22 -1.36 -4.81
N ALA A 172 -10.25 -2.18 -4.40
CA ALA A 172 -8.86 -1.95 -4.82
C ALA A 172 -8.52 -2.39 -6.25
N GLY A 173 -9.43 -3.09 -6.94
CA GLY A 173 -9.25 -3.34 -8.37
C GLY A 173 -9.26 -2.01 -9.11
N GLY A 174 -10.12 -1.09 -8.67
CA GLY A 174 -10.08 0.28 -9.16
C GLY A 174 -8.81 1.00 -8.75
N THR A 175 -8.45 0.91 -7.47
CA THR A 175 -7.28 1.60 -6.95
C THR A 175 -6.01 1.27 -7.73
N VAL A 176 -5.75 -0.02 -7.98
CA VAL A 176 -4.49 -0.39 -8.64
C VAL A 176 -4.42 0.22 -10.04
N LEU A 177 -5.55 0.35 -10.73
CA LEU A 177 -5.52 0.98 -12.06
C LEU A 177 -5.30 2.48 -11.96
N ARG A 178 -5.94 3.11 -10.97
CA ARG A 178 -5.73 4.52 -10.72
C ARG A 178 -4.26 4.83 -10.44
N VAL A 179 -3.65 3.99 -9.62
CA VAL A 179 -2.27 4.19 -9.24
C VAL A 179 -1.32 3.90 -10.38
N ALA A 180 -1.56 2.79 -11.08
CA ALA A 180 -0.69 2.37 -12.15
C ALA A 180 -0.76 3.34 -13.34
N LYS A 181 -1.92 3.97 -13.53
CA LYS A 181 -2.05 4.97 -14.59
C LYS A 181 -0.96 6.04 -14.51
N ASP A 182 -0.72 6.56 -13.32
CA ASP A 182 0.28 7.62 -13.17
C ASP A 182 1.70 7.08 -13.38
N VAL A 183 1.93 5.84 -12.97
CA VAL A 183 3.24 5.23 -13.13
C VAL A 183 3.57 5.07 -14.60
N ALA A 184 2.63 4.52 -15.35
CA ALA A 184 2.88 4.27 -16.76
C ALA A 184 3.02 5.58 -17.53
N GLU A 185 2.17 6.55 -17.23
CA GLU A 185 2.16 7.79 -18.00
C GLU A 185 3.34 8.74 -17.70
N ASN A 186 3.84 8.73 -16.48
CA ASN A 186 4.89 9.67 -16.07
C ASN A 186 6.29 9.14 -16.29
N ASN A 187 6.42 7.92 -16.82
CA ASN A 187 7.73 7.28 -16.98
C ASN A 187 7.88 6.65 -18.37
N LYS A 188 8.66 7.30 -19.23
CA LYS A 188 8.84 6.83 -20.60
C LYS A 188 9.41 5.43 -20.58
N GLY A 189 8.78 4.51 -21.31
CA GLY A 189 9.26 3.16 -21.39
C GLY A 189 8.75 2.25 -20.28
N ALA A 190 8.04 2.79 -19.29
CA ALA A 190 7.61 1.95 -18.19
C ALA A 190 6.62 0.91 -18.64
N ARG A 191 6.78 -0.29 -18.10
CA ARG A 191 5.81 -1.37 -18.28
C ARG A 191 5.53 -1.92 -16.89
N VAL A 192 4.26 -1.83 -16.50
CA VAL A 192 3.82 -2.10 -15.14
C VAL A 192 3.08 -3.41 -15.07
N LEU A 193 3.57 -4.35 -14.27
CA LEU A 193 2.82 -5.54 -13.91
C LEU A 193 1.94 -5.18 -12.71
N VAL A 194 0.63 -5.34 -12.87
CA VAL A 194 -0.37 -5.03 -11.87
C VAL A 194 -1.06 -6.34 -11.48
N VAL A 195 -0.97 -6.72 -10.19
CA VAL A 195 -1.48 -8.00 -9.74
C VAL A 195 -2.41 -7.81 -8.54
N CYS A 196 -3.60 -8.40 -8.65
CA CYS A 196 -4.55 -8.54 -7.54
C CYS A 196 -4.70 -10.01 -7.23
N SER A 197 -4.44 -10.41 -5.99
CA SER A 197 -4.46 -11.81 -5.61
C SER A 197 -5.14 -11.93 -4.24
N GLU A 198 -6.26 -12.63 -4.22
CA GLU A 198 -7.15 -12.67 -3.07
C GLU A 198 -7.54 -14.11 -2.73
N ILE A 199 -7.47 -14.43 -1.44
CA ILE A 199 -7.81 -15.76 -0.99
C ILE A 199 -8.60 -15.72 0.30
N THR A 200 -9.32 -16.78 0.58
CA THR A 200 -10.26 -16.79 1.68
C THR A 200 -9.71 -17.37 3.00
N CYS A 201 -8.43 -17.71 3.07
CA CYS A 201 -7.93 -18.36 4.28
C CYS A 201 -7.92 -17.44 5.49
N VAL A 202 -7.97 -16.12 5.30
N VAL A 202 -7.99 -16.12 5.32
CA VAL A 202 -7.95 -15.19 6.43
CA VAL A 202 -7.94 -15.22 6.46
C VAL A 202 -9.36 -14.95 6.99
C VAL A 202 -9.35 -14.89 6.98
N THR A 203 -10.38 -15.22 6.19
CA THR A 203 -11.78 -14.99 6.62
C THR A 203 -12.58 -16.26 6.90
N PHE A 204 -12.15 -17.40 6.41
CA PHE A 204 -12.90 -18.63 6.60
C PHE A 204 -13.03 -18.95 8.08
N ARG A 205 -14.26 -19.19 8.54
CA ARG A 205 -14.46 -19.70 9.89
C ARG A 205 -15.80 -20.41 9.99
N GLY A 206 -15.98 -21.16 11.07
CA GLY A 206 -17.20 -21.93 11.25
C GLY A 206 -18.38 -21.02 11.54
N PRO A 207 -19.59 -21.60 11.49
CA PRO A 207 -20.83 -20.82 11.54
C PRO A 207 -21.29 -20.55 12.95
N SER A 208 -21.86 -19.36 13.15
CA SER A 208 -22.47 -19.00 14.40
C SER A 208 -23.58 -18.01 14.15
N GLU A 209 -24.65 -18.17 14.91
CA GLU A 209 -25.71 -17.18 14.96
C GLU A 209 -25.19 -15.83 15.47
N THR A 210 -24.04 -15.86 16.14
CA THR A 210 -23.46 -14.66 16.74
C THR A 210 -22.43 -13.97 15.85
N HIS A 211 -22.20 -14.52 14.66
CA HIS A 211 -21.30 -13.91 13.68
C HIS A 211 -21.87 -14.04 12.27
N LEU A 212 -23.03 -13.43 12.02
CA LEU A 212 -23.67 -13.55 10.72
C LEU A 212 -22.98 -12.81 9.59
N ASP A 213 -22.26 -11.74 9.91
CA ASP A 213 -21.56 -10.98 8.88
C ASP A 213 -20.49 -11.89 8.30
N SER A 214 -19.86 -12.66 9.19
CA SER A 214 -18.90 -13.67 8.78
C SER A 214 -19.59 -14.70 7.87
N LEU A 215 -20.82 -15.04 8.21
CA LEU A 215 -21.56 -16.06 7.43
C LEU A 215 -21.88 -15.60 5.99
N VAL A 216 -22.29 -14.34 5.82
CA VAL A 216 -22.49 -13.80 4.47
C VAL A 216 -21.22 -13.92 3.65
N GLY A 217 -20.09 -13.61 4.24
CA GLY A 217 -18.82 -13.75 3.55
C GLY A 217 -18.51 -15.19 3.16
N GLN A 218 -18.95 -16.16 3.97
CA GLN A 218 -18.73 -17.56 3.65
C GLN A 218 -19.55 -17.96 2.41
N ALA A 219 -20.65 -17.27 2.16
CA ALA A 219 -21.47 -17.54 0.97
C ALA A 219 -20.88 -16.89 -0.29
N LEU A 220 -20.10 -15.82 -0.13
CA LEU A 220 -19.71 -14.99 -1.27
C LEU A 220 -18.22 -15.05 -1.68
N PHE A 221 -17.30 -15.02 -0.72
CA PHE A 221 -15.90 -14.83 -1.06
C PHE A 221 -15.29 -16.07 -1.70
N GLY A 222 -14.55 -15.86 -2.79
CA GLY A 222 -13.78 -16.91 -3.45
C GLY A 222 -12.35 -16.48 -3.71
N ASP A 223 -11.53 -17.40 -4.21
CA ASP A 223 -10.10 -17.15 -4.46
C ASP A 223 -9.83 -16.88 -5.94
N GLY A 224 -8.87 -15.99 -6.20
CA GLY A 224 -8.44 -15.74 -7.56
C GLY A 224 -7.38 -14.69 -7.64
N ALA A 225 -6.61 -14.72 -8.73
CA ALA A 225 -5.67 -13.63 -9.01
C ALA A 225 -5.76 -13.24 -10.47
N ALA A 226 -5.55 -11.95 -10.70
CA ALA A 226 -5.51 -11.39 -12.04
C ALA A 226 -4.26 -10.53 -12.15
N ALA A 227 -3.63 -10.60 -13.33
CA ALA A 227 -2.42 -9.85 -13.63
C ALA A 227 -2.62 -9.07 -14.92
N VAL A 228 -2.27 -7.80 -14.90
CA VAL A 228 -2.38 -6.90 -16.05
C VAL A 228 -1.01 -6.37 -16.40
N ILE A 229 -0.68 -6.26 -17.68
CA ILE A 229 0.48 -5.49 -18.14
C ILE A 229 -0.04 -4.16 -18.63
N LEU A 230 0.46 -3.07 -18.07
CA LEU A 230 0.02 -1.71 -18.38
C LEU A 230 1.20 -0.87 -18.88
N GLY A 231 0.99 -0.07 -19.92
CA GLY A 231 2.06 0.82 -20.37
C GLY A 231 1.51 1.88 -21.31
N SER A 232 2.17 3.02 -21.37
CA SER A 232 1.87 4.03 -22.38
C SER A 232 2.73 3.77 -23.62
N ASP A 233 2.29 4.36 -24.74
CA ASP A 233 3.02 4.33 -26.01
C ASP A 233 3.31 2.89 -26.44
N PRO A 234 2.24 2.15 -26.74
CA PRO A 234 2.43 0.75 -27.12
C PRO A 234 3.32 0.60 -28.37
N LEU A 235 4.10 -0.47 -28.39
CA LEU A 235 4.96 -0.81 -29.50
C LEU A 235 4.16 -1.56 -30.57
N PRO A 236 4.69 -1.62 -31.80
CA PRO A 236 3.95 -2.35 -32.84
C PRO A 236 3.70 -3.80 -32.50
N GLU A 237 4.56 -4.40 -31.68
CA GLU A 237 4.48 -5.81 -31.30
C GLU A 237 3.54 -6.08 -30.13
N GLU A 238 3.04 -5.01 -29.51
CA GLU A 238 2.12 -5.14 -28.38
C GLU A 238 0.68 -4.99 -28.89
N ASN A 239 -0.27 -5.32 -28.04
CA ASN A 239 -1.66 -5.45 -28.44
C ASN A 239 -2.61 -4.75 -27.44
N PRO A 240 -2.87 -3.46 -27.64
CA PRO A 240 -3.82 -2.72 -26.80
C PRO A 240 -5.21 -3.36 -26.70
N CYS A 241 -5.80 -3.41 -25.49
CA CYS A 241 -7.22 -3.78 -25.38
C CYS A 241 -8.09 -2.78 -24.62
N PHE A 242 -7.51 -1.96 -23.75
CA PHE A 242 -8.24 -0.86 -23.07
C PHE A 242 -7.26 0.27 -22.79
N GLU A 243 -7.79 1.49 -22.71
CA GLU A 243 -7.00 2.65 -22.26
C GLU A 243 -7.64 3.21 -20.99
N LEU A 244 -6.81 3.68 -20.07
CA LEU A 244 -7.26 4.39 -18.88
C LEU A 244 -7.24 5.88 -19.15
N HIS A 245 -8.35 6.59 -18.94
CA HIS A 245 -8.41 8.01 -19.28
C HIS A 245 -8.70 8.97 -18.14
N TRP A 246 -9.25 8.48 -17.05
CA TRP A 246 -9.67 9.34 -15.95
C TRP A 246 -9.90 8.46 -14.72
N SER A 247 -9.58 8.96 -13.54
CA SER A 247 -9.87 8.20 -12.33
C SER A 247 -10.35 9.14 -11.22
N GLY A 248 -11.12 8.59 -10.31
CA GLY A 248 -11.68 9.34 -9.20
C GLY A 248 -11.98 8.42 -8.02
N SER A 249 -12.00 9.00 -6.82
CA SER A 249 -12.42 8.30 -5.61
C SER A 249 -13.53 9.08 -4.95
N ASN A 250 -14.45 8.38 -4.26
CA ASN A 250 -15.47 9.05 -3.51
C ASN A 250 -15.78 8.27 -2.26
N ILE A 251 -15.75 8.94 -1.11
CA ILE A 251 -16.32 8.43 0.12
C ILE A 251 -17.78 8.86 0.12
N LEU A 252 -18.69 7.88 0.10
CA LEU A 252 -20.10 8.23 -0.07
C LEU A 252 -20.67 8.86 1.20
N PRO A 253 -21.63 9.78 1.02
CA PRO A 253 -22.23 10.44 2.18
C PRO A 253 -22.93 9.46 3.11
N ASP A 254 -22.91 9.77 4.40
CA ASP A 254 -23.68 9.01 5.40
C ASP A 254 -23.35 7.52 5.38
N SER A 255 -22.07 7.18 5.22
CA SER A 255 -21.69 5.78 5.03
C SER A 255 -20.61 5.29 6.01
N ASP A 256 -20.32 6.08 7.05
CA ASP A 256 -19.41 5.64 8.10
C ASP A 256 -19.87 4.27 8.64
N GLY A 257 -18.95 3.31 8.67
CA GLY A 257 -19.26 2.01 9.24
C GLY A 257 -19.93 1.03 8.31
N ALA A 258 -20.16 1.42 7.06
CA ALA A 258 -20.88 0.55 6.15
C ALA A 258 -20.19 -0.79 5.99
N ILE A 259 -18.87 -0.75 5.80
CA ILE A 259 -18.07 -1.94 5.69
C ILE A 259 -16.81 -1.74 6.50
N ASP A 260 -16.71 -2.40 7.65
CA ASP A 260 -15.49 -2.37 8.46
C ASP A 260 -14.86 -3.75 8.46
N GLY A 261 -13.53 -3.81 8.50
CA GLY A 261 -12.83 -5.07 8.55
C GLY A 261 -11.68 -4.96 9.52
N HIS A 262 -11.56 -5.92 10.44
CA HIS A 262 -10.53 -5.85 11.48
C HIS A 262 -9.67 -7.10 11.44
N LEU A 263 -8.36 -6.92 11.48
CA LEU A 263 -7.45 -8.06 11.51
C LEU A 263 -7.14 -8.35 12.96
N ARG A 264 -7.69 -9.46 13.44
CA ARG A 264 -7.60 -9.81 14.85
C ARG A 264 -6.93 -11.16 15.01
N GLU A 265 -6.75 -11.58 16.25
CA GLU A 265 -6.11 -12.89 16.48
C GLU A 265 -6.98 -14.05 15.97
N VAL A 266 -8.29 -13.80 15.80
CA VAL A 266 -9.20 -14.80 15.21
C VAL A 266 -9.22 -14.73 13.69
N GLY A 267 -8.40 -13.88 13.09
CA GLY A 267 -8.37 -13.68 11.66
C GLY A 267 -9.05 -12.38 11.27
N LEU A 268 -9.33 -12.25 9.97
CA LEU A 268 -10.00 -11.07 9.43
C LEU A 268 -11.52 -11.20 9.65
N THR A 269 -12.13 -10.20 10.26
CA THR A 269 -13.55 -10.18 10.55
C THR A 269 -14.17 -8.92 9.97
N PHE A 270 -15.24 -9.10 9.20
CA PHE A 270 -16.00 -7.97 8.69
C PHE A 270 -17.24 -7.66 9.51
N HIS A 271 -17.56 -6.38 9.58
CA HIS A 271 -18.73 -5.88 10.27
C HIS A 271 -19.40 -4.86 9.38
N LEU A 272 -20.65 -5.13 8.98
CA LEU A 272 -21.38 -4.25 8.07
C LEU A 272 -22.49 -3.60 8.88
N MET A 273 -22.48 -2.28 8.95
CA MET A 273 -23.37 -1.54 9.86
C MET A 273 -24.40 -0.68 9.15
N LYS A 274 -24.40 -0.69 7.82
CA LYS A 274 -25.36 0.07 7.04
C LYS A 274 -25.75 -0.72 5.80
N ASP A 275 -26.74 -0.22 5.07
CA ASP A 275 -27.27 -0.88 3.86
C ASP A 275 -26.39 -0.55 2.68
N VAL A 276 -25.47 -1.46 2.34
CA VAL A 276 -24.45 -1.19 1.35
C VAL A 276 -25.03 -0.99 -0.07
N PRO A 277 -25.91 -1.91 -0.55
CA PRO A 277 -26.50 -1.69 -1.88
C PRO A 277 -27.32 -0.39 -1.95
N GLY A 278 -28.03 -0.08 -0.87
CA GLY A 278 -28.81 1.15 -0.80
C GLY A 278 -27.93 2.40 -0.91
N ILE A 279 -26.86 2.44 -0.15
CA ILE A 279 -25.97 3.60 -0.18
C ILE A 279 -25.31 3.75 -1.56
N ILE A 280 -24.81 2.65 -2.12
CA ILE A 280 -24.18 2.72 -3.43
C ILE A 280 -25.20 3.16 -4.48
N SER A 281 -26.36 2.52 -4.51
CA SER A 281 -27.32 2.88 -5.57
C SER A 281 -27.90 4.31 -5.42
N LYS A 282 -28.04 4.81 -4.20
CA LYS A 282 -28.52 6.16 -3.97
C LYS A 282 -27.58 7.24 -4.52
N ASN A 283 -26.29 6.92 -4.51
CA ASN A 283 -25.28 7.93 -4.82
C ASN A 283 -24.57 7.72 -6.14
N ILE A 284 -24.74 6.56 -6.78
CA ILE A 284 -23.90 6.26 -7.95
C ILE A 284 -24.21 7.19 -9.12
N GLY A 285 -25.45 7.65 -9.26
CA GLY A 285 -25.77 8.56 -10.35
C GLY A 285 -24.93 9.82 -10.31
N LYS A 286 -24.83 10.42 -9.13
CA LYS A 286 -24.05 11.63 -8.97
C LYS A 286 -22.55 11.36 -9.16
N VAL A 287 -22.06 10.23 -8.65
CA VAL A 287 -20.65 9.86 -8.86
C VAL A 287 -20.37 9.82 -10.36
N LEU A 288 -21.23 9.15 -11.12
CA LEU A 288 -20.98 8.97 -12.55
C LEU A 288 -21.15 10.30 -13.30
N ASN A 289 -22.16 11.08 -12.92
CA ASN A 289 -22.36 12.36 -13.58
C ASN A 289 -21.15 13.26 -13.37
N ASP A 290 -20.67 13.33 -12.14
CA ASP A 290 -19.55 14.20 -11.81
C ASP A 290 -18.26 13.70 -12.51
N ALA A 291 -18.08 12.39 -12.57
CA ALA A 291 -16.93 11.80 -13.27
C ALA A 291 -16.92 12.15 -14.76
N PHE A 292 -18.04 11.93 -15.44
CA PHE A 292 -18.07 12.21 -16.88
C PHE A 292 -18.03 13.72 -17.16
N ARG A 293 -18.63 14.54 -16.29
CA ARG A 293 -18.51 15.99 -16.41
C ARG A 293 -17.05 16.46 -16.30
N SER A 294 -16.33 15.90 -15.33
N SER A 294 -16.32 15.90 -15.34
CA SER A 294 -14.92 16.24 -15.12
CA SER A 294 -14.92 16.26 -15.14
C SER A 294 -14.09 15.81 -16.32
C SER A 294 -14.08 15.81 -16.32
N ALA A 295 -14.28 14.57 -16.75
CA ALA A 295 -13.44 13.99 -17.80
C ALA A 295 -13.68 14.61 -19.17
N PHE A 296 -14.93 14.90 -19.50
CA PHE A 296 -15.24 15.42 -20.84
C PHE A 296 -15.48 16.93 -20.88
N ASP A 297 -16.47 17.40 -20.12
CA ASP A 297 -16.86 18.81 -20.15
C ASP A 297 -15.74 19.72 -19.67
N GLU A 298 -15.18 19.42 -18.50
CA GLU A 298 -14.20 20.30 -17.89
C GLU A 298 -12.81 20.19 -18.53
N SER A 299 -12.65 19.28 -19.50
CA SER A 299 -11.39 19.16 -20.25
C SER A 299 -11.52 19.66 -21.68
N GLY A 300 -12.68 20.21 -22.02
CA GLY A 300 -12.90 20.78 -23.34
C GLY A 300 -13.29 19.76 -24.38
N ASN A 301 -13.86 18.64 -23.93
CA ASN A 301 -14.27 17.56 -24.83
C ASN A 301 -15.73 17.18 -24.62
N ALA A 302 -16.55 18.17 -24.31
CA ALA A 302 -17.97 17.94 -24.05
C ALA A 302 -18.65 17.17 -25.20
N GLU A 303 -18.21 17.41 -26.42
CA GLU A 303 -18.88 16.85 -27.58
C GLU A 303 -18.71 15.31 -27.70
N ASP A 304 -17.74 14.74 -26.99
CA ASP A 304 -17.51 13.31 -27.06
C ASP A 304 -18.10 12.58 -25.86
N ARG A 305 -18.74 13.31 -24.95
CA ARG A 305 -19.34 12.69 -23.77
C ARG A 305 -20.51 11.81 -24.18
N PRO A 306 -20.52 10.52 -23.75
CA PRO A 306 -21.67 9.66 -24.07
C PRO A 306 -22.99 10.25 -23.57
N ALA A 307 -24.05 10.04 -24.35
CA ALA A 307 -25.34 10.66 -24.07
C ALA A 307 -26.03 10.06 -22.86
N SER A 308 -25.84 8.76 -22.61
CA SER A 308 -26.51 8.08 -21.50
C SER A 308 -25.70 6.93 -20.92
N VAL A 309 -26.13 6.46 -19.75
CA VAL A 309 -25.46 5.35 -19.09
C VAL A 309 -25.62 4.04 -19.87
N ASN A 310 -26.56 3.98 -20.81
CA ASN A 310 -26.69 2.79 -21.63
C ASN A 310 -25.80 2.83 -22.87
N ASP A 311 -25.10 3.94 -23.07
CA ASP A 311 -24.18 4.11 -24.18
C ASP A 311 -22.73 3.83 -23.81
N ILE A 312 -22.50 3.38 -22.58
CA ILE A 312 -21.16 2.99 -22.12
C ILE A 312 -21.18 1.54 -21.66
N PHE A 313 -20.01 0.92 -21.67
CA PHE A 313 -19.89 -0.42 -21.09
C PHE A 313 -19.60 -0.33 -19.61
N TRP A 314 -20.00 -1.37 -18.88
CA TRP A 314 -19.95 -1.39 -17.40
C TRP A 314 -19.14 -2.55 -16.88
N ILE A 315 -18.23 -2.24 -15.96
CA ILE A 315 -17.46 -3.22 -15.21
C ILE A 315 -17.61 -2.85 -13.72
N ALA A 316 -18.45 -3.57 -12.99
CA ALA A 316 -18.75 -3.20 -11.61
C ALA A 316 -18.29 -4.30 -10.67
N HIS A 317 -17.74 -3.93 -9.52
CA HIS A 317 -17.38 -4.93 -8.54
C HIS A 317 -18.62 -5.64 -7.99
N PRO A 318 -18.68 -6.98 -8.13
CA PRO A 318 -19.88 -7.69 -7.71
C PRO A 318 -19.78 -8.10 -6.23
N GLY A 319 -19.82 -7.10 -5.36
CA GLY A 319 -19.68 -7.37 -3.93
C GLY A 319 -20.76 -8.32 -3.44
N GLY A 320 -21.95 -8.15 -3.97
CA GLY A 320 -23.02 -9.11 -3.84
C GLY A 320 -24.03 -8.79 -4.91
N PRO A 321 -24.92 -9.73 -5.20
CA PRO A 321 -25.88 -9.50 -6.29
C PRO A 321 -26.82 -8.32 -6.03
N ALA A 322 -27.13 -7.99 -4.77
CA ALA A 322 -28.04 -6.86 -4.51
C ALA A 322 -27.42 -5.54 -4.95
N ILE A 323 -26.10 -5.41 -4.89
CA ILE A 323 -25.47 -4.16 -5.34
C ILE A 323 -25.75 -3.98 -6.84
N LEU A 324 -25.53 -5.04 -7.59
CA LEU A 324 -25.75 -5.01 -9.02
C LEU A 324 -27.21 -4.73 -9.34
N ASP A 325 -28.12 -5.43 -8.65
CA ASP A 325 -29.53 -5.27 -8.89
C ASP A 325 -30.00 -3.83 -8.65
N GLN A 326 -29.55 -3.25 -7.54
CA GLN A 326 -30.03 -1.93 -7.15
C GLN A 326 -29.41 -0.82 -8.02
N VAL A 327 -28.16 -0.97 -8.42
CA VAL A 327 -27.56 -0.04 -9.38
C VAL A 327 -28.27 -0.10 -10.73
N GLU A 328 -28.53 -1.31 -11.22
CA GLU A 328 -29.27 -1.49 -12.47
C GLU A 328 -30.63 -0.81 -12.43
N GLU A 329 -31.37 -1.02 -11.34
CA GLU A 329 -32.68 -0.42 -11.19
C GLU A 329 -32.61 1.11 -11.10
N LYS A 330 -31.75 1.62 -10.23
CA LYS A 330 -31.71 3.06 -10.00
C LYS A 330 -31.21 3.81 -11.22
N MET A 331 -30.26 3.22 -11.95
CA MET A 331 -29.70 3.86 -13.14
C MET A 331 -30.46 3.54 -14.43
N LYS A 332 -31.52 2.71 -14.33
CA LYS A 332 -32.33 2.32 -15.47
C LYS A 332 -31.49 1.73 -16.61
N LEU A 333 -30.59 0.83 -16.24
CA LEU A 333 -29.75 0.13 -17.19
C LEU A 333 -30.51 -0.93 -17.94
N ALA A 334 -30.19 -1.11 -19.22
CA ALA A 334 -30.72 -2.24 -19.97
C ALA A 334 -30.25 -3.53 -19.29
N PRO A 335 -31.04 -4.60 -19.39
CA PRO A 335 -30.74 -5.80 -18.60
C PRO A 335 -29.39 -6.44 -18.88
N GLU A 336 -28.84 -6.26 -20.08
CA GLU A 336 -27.57 -6.90 -20.39
C GLU A 336 -26.33 -6.07 -20.03
N LYS A 337 -26.49 -4.84 -19.55
CA LYS A 337 -25.33 -4.04 -19.21
C LYS A 337 -24.46 -4.73 -18.15
N MET A 338 -25.12 -5.34 -17.17
CA MET A 338 -24.41 -6.03 -16.10
C MET A 338 -24.03 -7.50 -16.40
N ARG A 339 -24.23 -7.94 -17.63
CA ARG A 339 -24.06 -9.36 -17.92
C ARG A 339 -22.63 -9.85 -17.69
N ALA A 340 -21.64 -9.10 -18.18
CA ALA A 340 -20.25 -9.52 -18.05
C ALA A 340 -19.88 -9.63 -16.57
N THR A 341 -20.33 -8.66 -15.78
CA THR A 341 -20.10 -8.63 -14.34
C THR A 341 -20.78 -9.83 -13.68
N ARG A 342 -22.04 -10.05 -14.00
CA ARG A 342 -22.79 -11.16 -13.40
C ARG A 342 -22.18 -12.53 -13.78
N ASP A 343 -21.63 -12.63 -14.98
CA ASP A 343 -21.01 -13.86 -15.45
C ASP A 343 -19.83 -14.24 -14.52
N VAL A 344 -19.01 -13.24 -14.19
CA VAL A 344 -17.84 -13.47 -13.35
C VAL A 344 -18.30 -13.81 -11.92
N LEU A 345 -19.29 -13.11 -11.39
CA LEU A 345 -19.81 -13.47 -10.08
C LEU A 345 -20.30 -14.92 -10.09
N SER A 346 -20.96 -15.33 -11.17
CA SER A 346 -21.51 -16.66 -11.25
C SER A 346 -20.45 -17.76 -11.28
N GLU A 347 -19.37 -17.50 -12.02
CA GLU A 347 -18.36 -18.50 -12.30
C GLU A 347 -17.24 -18.54 -11.25
N TYR A 348 -17.10 -17.46 -10.47
CA TYR A 348 -15.95 -17.33 -9.54
C TYR A 348 -16.28 -16.81 -8.17
N GLY A 349 -17.47 -16.23 -7.97
CA GLY A 349 -17.76 -15.58 -6.70
C GLY A 349 -17.04 -14.25 -6.53
N ASN A 350 -17.11 -13.70 -5.33
CA ASN A 350 -16.50 -12.43 -4.99
C ASN A 350 -15.02 -12.60 -4.62
N MET A 351 -14.14 -12.39 -5.60
CA MET A 351 -12.69 -12.48 -5.46
C MET A 351 -12.09 -11.12 -5.11
N SER A 352 -12.90 -10.27 -4.47
CA SER A 352 -12.42 -8.99 -3.95
C SER A 352 -11.78 -8.20 -5.09
N SER A 353 -10.61 -7.60 -4.88
CA SER A 353 -10.02 -6.70 -5.88
C SER A 353 -9.85 -7.30 -7.26
N ALA A 354 -9.64 -8.62 -7.34
CA ALA A 354 -9.43 -9.26 -8.65
C ALA A 354 -10.66 -9.24 -9.57
N CYS A 355 -11.88 -9.12 -9.04
CA CYS A 355 -13.09 -9.32 -9.86
C CYS A 355 -13.11 -8.42 -11.06
N VAL A 356 -12.87 -7.12 -10.87
CA VAL A 356 -13.07 -6.21 -12.01
C VAL A 356 -12.07 -6.51 -13.12
N LEU A 357 -10.92 -7.08 -12.77
CA LEU A 357 -9.92 -7.43 -13.79
C LEU A 357 -10.36 -8.72 -14.51
N PHE A 358 -10.94 -9.68 -13.79
CA PHE A 358 -11.55 -10.84 -14.45
C PHE A 358 -12.66 -10.40 -15.41
N ILE A 359 -13.45 -9.42 -14.99
CA ILE A 359 -14.56 -8.92 -15.83
C ILE A 359 -14.01 -8.22 -17.08
N MET A 360 -12.99 -7.39 -16.93
CA MET A 360 -12.32 -6.79 -18.08
C MET A 360 -11.85 -7.85 -19.07
N ASP A 361 -11.24 -8.91 -18.59
CA ASP A 361 -10.79 -10.02 -19.45
C ASP A 361 -11.97 -10.70 -20.13
N HIS A 362 -13.03 -11.00 -19.38
CA HIS A 362 -14.20 -11.67 -19.92
C HIS A 362 -14.84 -10.80 -21.00
N MET A 363 -14.89 -9.51 -20.75
CA MET A 363 -15.52 -8.59 -21.71
C MET A 363 -14.75 -8.49 -23.02
N ARG A 364 -13.43 -8.37 -22.98
CA ARG A 364 -12.69 -8.28 -24.24
C ARG A 364 -12.80 -9.60 -25.00
N ARG A 365 -12.86 -10.71 -24.28
CA ARG A 365 -12.92 -12.03 -24.91
C ARG A 365 -14.27 -12.27 -25.54
N MET A 366 -15.34 -11.91 -24.87
CA MET A 366 -16.67 -12.11 -25.43
C MET A 366 -16.90 -11.17 -26.60
N SER A 367 -16.35 -9.96 -26.52
CA SER A 367 -16.49 -8.99 -27.61
C SER A 367 -15.82 -9.51 -28.89
N ALA A 368 -14.65 -10.13 -28.73
CA ALA A 368 -13.94 -10.73 -29.89
C ALA A 368 -14.68 -11.97 -30.42
N GLN A 369 -15.10 -12.83 -29.51
CA GLN A 369 -15.83 -14.06 -29.86
C GLN A 369 -17.09 -13.74 -30.66
N ASN A 370 -17.76 -12.65 -30.29
CA ASN A 370 -19.02 -12.27 -30.93
C ASN A 370 -18.84 -11.22 -32.04
N LYS A 371 -17.59 -10.98 -32.44
CA LYS A 371 -17.25 -10.13 -33.57
C LYS A 371 -17.80 -8.72 -33.48
N LEU A 372 -17.69 -8.15 -32.27
CA LEU A 372 -18.14 -6.79 -32.03
C LEU A 372 -17.02 -5.84 -32.42
N GLN A 373 -17.37 -4.56 -32.58
CA GLN A 373 -16.44 -3.59 -33.16
C GLN A 373 -15.36 -3.10 -32.20
N THR A 374 -15.55 -3.28 -30.89
CA THR A 374 -14.56 -2.90 -29.90
C THR A 374 -14.52 -3.92 -28.78
N THR A 375 -13.45 -3.84 -27.99
CA THR A 375 -13.27 -4.71 -26.83
C THR A 375 -14.29 -4.44 -25.70
N GLY A 376 -14.98 -3.30 -25.78
CA GLY A 376 -15.98 -2.91 -24.80
C GLY A 376 -17.39 -3.06 -25.31
N GLU A 377 -17.70 -4.27 -25.76
CA GLU A 377 -19.04 -4.62 -26.21
C GLU A 377 -19.48 -3.72 -27.37
N GLY A 378 -18.50 -3.29 -28.17
CA GLY A 378 -18.80 -2.46 -29.34
C GLY A 378 -18.93 -0.98 -29.09
N LEU A 379 -18.78 -0.59 -27.82
CA LEU A 379 -18.94 0.80 -27.41
C LEU A 379 -17.54 1.39 -27.22
N ASP A 380 -17.46 2.72 -27.26
CA ASP A 380 -16.17 3.41 -27.11
C ASP A 380 -15.75 3.61 -25.66
N TRP A 381 -16.68 4.05 -24.81
CA TRP A 381 -16.37 4.42 -23.43
C TRP A 381 -17.02 3.50 -22.43
N GLY A 382 -16.35 3.34 -21.29
CA GLY A 382 -16.87 2.51 -20.22
C GLY A 382 -16.43 2.97 -18.86
N VAL A 383 -17.08 2.41 -17.85
CA VAL A 383 -16.77 2.73 -16.46
C VAL A 383 -16.46 1.46 -15.72
N LEU A 384 -15.39 1.53 -14.95
CA LEU A 384 -15.01 0.48 -14.02
C LEU A 384 -15.18 1.01 -12.61
N LEU A 385 -15.84 0.22 -11.77
CA LEU A 385 -16.25 0.63 -10.43
C LEU A 385 -15.82 -0.37 -9.38
N GLY A 386 -15.00 0.07 -8.41
CA GLY A 386 -14.69 -0.72 -7.22
C GLY A 386 -15.49 -0.19 -6.03
N PHE A 387 -15.97 -1.10 -5.18
CA PHE A 387 -16.76 -0.75 -3.99
C PHE A 387 -16.16 -1.43 -2.76
N GLY A 388 -15.99 -0.69 -1.67
CA GLY A 388 -15.44 -1.27 -0.46
C GLY A 388 -15.46 -0.34 0.70
N PRO A 389 -14.68 -0.66 1.76
CA PRO A 389 -14.68 0.12 2.99
C PRO A 389 -14.52 1.63 2.78
N GLY A 390 -15.33 2.42 3.48
CA GLY A 390 -15.29 3.86 3.38
C GLY A 390 -16.57 4.57 3.71
N LEU A 391 -17.69 4.28 3.03
CA LEU A 391 -17.77 3.45 1.83
C LEU A 391 -17.10 4.14 0.65
N THR A 392 -16.08 3.50 0.10
CA THR A 392 -15.30 4.07 -1.00
C THR A 392 -15.78 3.51 -2.32
N VAL A 393 -16.03 4.41 -3.28
CA VAL A 393 -16.17 4.03 -4.68
C VAL A 393 -14.94 4.49 -5.45
N GLU A 394 -14.32 3.55 -6.17
CA GLU A 394 -13.23 3.87 -7.09
C GLU A 394 -13.82 3.85 -8.48
N THR A 395 -13.64 4.95 -9.21
CA THR A 395 -14.12 5.06 -10.58
C THR A 395 -12.96 5.19 -11.54
N VAL A 396 -12.96 4.38 -12.59
CA VAL A 396 -11.97 4.51 -13.66
C VAL A 396 -12.73 4.57 -14.98
N LEU A 397 -12.47 5.61 -15.77
CA LEU A 397 -13.08 5.75 -17.09
C LEU A 397 -12.15 5.10 -18.11
N LEU A 398 -12.71 4.15 -18.86
CA LEU A 398 -11.99 3.34 -19.84
C LEU A 398 -12.40 3.70 -21.25
N LYS A 399 -11.44 3.66 -22.17
CA LYS A 399 -11.76 3.61 -23.59
C LYS A 399 -11.45 2.21 -24.09
N SER A 400 -12.34 1.66 -24.89
CA SER A 400 -12.10 0.39 -25.55
C SER A 400 -11.12 0.56 -26.72
N ILE A 401 -10.76 -0.56 -27.33
CA ILE A 401 -9.92 -0.59 -28.50
C ILE A 401 -10.69 -1.24 -29.63
N ARG A 402 -10.58 -0.69 -30.83
CA ARG A 402 -11.26 -1.21 -32.00
C ARG A 402 -10.66 -2.56 -32.42
N LEU A 403 -11.54 -3.47 -32.83
CA LEU A 403 -11.13 -4.81 -33.25
C LEU A 403 -11.18 -4.97 -34.77
N ALA A 404 -10.36 -5.88 -35.29
CA ALA A 404 -10.51 -6.35 -36.69
C ALA A 404 -11.13 -7.75 -36.73
N CYS A 405 -12.07 -7.97 -37.64
CA CYS A 405 -12.79 -9.25 -37.76
C CYS A 405 -12.83 -9.76 -39.20
N ARG B 14 -5.87 15.70 -23.31
CA ARG B 14 -6.30 14.53 -22.55
C ARG B 14 -7.55 14.84 -21.73
N LEU B 15 -8.20 13.80 -21.20
CA LEU B 15 -9.34 13.98 -20.33
C LEU B 15 -8.87 14.36 -18.92
N ALA B 16 -7.57 14.16 -18.66
CA ALA B 16 -6.95 14.61 -17.42
C ALA B 16 -5.54 15.16 -17.71
N GLN B 17 -5.40 16.48 -17.58
CA GLN B 17 -4.15 17.18 -17.87
C GLN B 17 -3.03 16.83 -16.90
N ARG B 18 -1.80 16.92 -17.40
CA ARG B 18 -0.63 16.64 -16.57
C ARG B 18 0.07 17.93 -16.18
N ALA B 19 0.93 17.82 -15.17
CA ALA B 19 1.70 18.97 -14.69
C ALA B 19 2.95 19.12 -15.54
N ASN B 20 3.59 20.27 -15.44
CA ASN B 20 4.75 20.59 -16.27
C ASN B 20 6.09 20.24 -15.59
N GLY B 21 6.29 20.74 -14.38
CA GLY B 21 7.59 20.71 -13.73
C GLY B 21 7.77 19.60 -12.71
N PRO B 22 8.94 19.53 -12.08
CA PRO B 22 9.23 18.47 -11.11
C PRO B 22 8.40 18.57 -9.84
N ALA B 23 8.06 17.43 -9.27
CA ALA B 23 7.41 17.40 -7.97
C ALA B 23 8.27 18.11 -6.95
N THR B 24 7.63 18.99 -6.19
CA THR B 24 8.35 19.88 -5.28
C THR B 24 7.77 19.76 -3.88
N VAL B 25 8.66 19.70 -2.87
CA VAL B 25 8.27 19.70 -1.47
C VAL B 25 7.95 21.14 -1.08
N LEU B 26 6.70 21.37 -0.66
CA LEU B 26 6.17 22.72 -0.37
C LEU B 26 6.00 22.98 1.13
N ALA B 27 6.09 21.94 1.94
CA ALA B 27 5.95 22.04 3.40
C ALA B 27 6.31 20.72 4.05
N ILE B 28 6.82 20.80 5.28
CA ILE B 28 7.10 19.62 6.10
C ILE B 28 6.68 19.90 7.55
N GLY B 29 5.89 18.99 8.14
CA GLY B 29 5.49 19.10 9.53
C GLY B 29 5.79 17.77 10.20
N THR B 30 6.13 17.85 11.50
CA THR B 30 6.42 16.64 12.27
C THR B 30 5.73 16.68 13.65
N ALA B 31 5.56 15.48 14.21
CA ALA B 31 4.94 15.31 15.51
C ALA B 31 5.48 14.05 16.18
N ASN B 32 5.48 14.09 17.52
CA ASN B 32 5.86 12.95 18.34
C ASN B 32 4.96 12.88 19.57
N PRO B 33 4.84 11.66 20.13
CA PRO B 33 4.19 11.59 21.44
C PRO B 33 4.87 12.44 22.51
N ALA B 34 4.14 12.77 23.57
CA ALA B 34 4.62 13.71 24.56
C ALA B 34 5.55 13.09 25.61
N ASN B 35 5.59 11.77 25.69
CA ASN B 35 6.42 11.11 26.70
C ASN B 35 7.85 10.95 26.19
N VAL B 36 8.80 11.55 26.90
CA VAL B 36 10.19 11.48 26.48
C VAL B 36 10.91 10.43 27.29
N PHE B 37 11.69 9.61 26.60
CA PHE B 37 12.51 8.57 27.22
C PHE B 37 13.98 8.80 26.91
N GLU B 38 14.73 9.26 27.90
CA GLU B 38 16.15 9.48 27.73
C GLU B 38 16.86 8.12 27.67
N GLN B 39 17.77 7.96 26.73
CA GLN B 39 18.36 6.66 26.50
C GLN B 39 19.24 6.21 27.69
N SER B 40 19.90 7.15 28.37
CA SER B 40 20.77 6.79 29.49
C SER B 40 20.03 6.10 30.62
N SER B 41 18.74 6.36 30.76
CA SER B 41 17.96 5.73 31.83
C SER B 41 16.93 4.75 31.30
N TYR B 42 16.94 4.46 30.00
CA TYR B 42 15.91 3.58 29.46
C TYR B 42 16.03 2.13 29.93
N PRO B 43 17.27 1.59 30.05
CA PRO B 43 17.34 0.20 30.51
C PRO B 43 16.66 0.01 31.87
N ASP B 44 16.80 0.96 32.78
CA ASP B 44 16.16 0.83 34.09
C ASP B 44 14.64 0.87 33.95
N PHE B 45 14.14 1.82 33.17
CA PHE B 45 12.71 1.97 32.98
C PHE B 45 12.12 0.68 32.40
N TYR B 46 12.77 0.20 31.36
CA TYR B 46 12.24 -0.89 30.56
C TYR B 46 12.28 -2.22 31.33
N PHE B 47 13.39 -2.53 31.99
CA PHE B 47 13.45 -3.76 32.79
C PHE B 47 12.56 -3.67 34.03
N ASP B 48 12.37 -2.48 34.61
CA ASP B 48 11.44 -2.33 35.73
C ASP B 48 9.97 -2.56 35.30
N ILE B 49 9.54 -1.91 34.20
CA ILE B 49 8.10 -1.94 33.88
C ILE B 49 7.70 -3.32 33.39
N THR B 50 8.66 -4.08 32.88
CA THR B 50 8.39 -5.44 32.40
C THR B 50 8.67 -6.52 33.45
N ASN B 51 8.85 -6.11 34.72
CA ASN B 51 9.07 -7.04 35.83
C ASN B 51 10.24 -7.99 35.53
N SER B 52 11.33 -7.40 35.02
CA SER B 52 12.51 -8.12 34.59
C SER B 52 13.80 -7.63 35.27
N GLN B 53 13.65 -6.85 36.33
CA GLN B 53 14.80 -6.27 37.05
C GLN B 53 15.79 -7.33 37.52
N HIS B 54 15.30 -8.54 37.78
CA HIS B 54 16.15 -9.62 38.26
C HIS B 54 17.02 -10.29 37.18
N MET B 55 16.84 -9.91 35.91
CA MET B 55 17.58 -10.51 34.81
C MET B 55 18.84 -9.69 34.56
N THR B 56 19.79 -9.81 35.50
CA THR B 56 20.95 -8.93 35.58
C THR B 56 21.84 -9.01 34.35
N GLU B 57 22.12 -10.23 33.89
CA GLU B 57 23.00 -10.36 32.73
C GLU B 57 22.35 -9.78 31.47
N LEU B 58 21.07 -10.06 31.30
CA LEU B 58 20.39 -9.57 30.12
C LEU B 58 20.25 -8.05 30.16
N LYS B 59 20.03 -7.49 31.35
CA LYS B 59 19.94 -6.05 31.50
C LYS B 59 21.27 -5.39 31.14
N LEU B 60 22.40 -6.00 31.53
CA LEU B 60 23.70 -5.46 31.16
C LEU B 60 23.89 -5.47 29.63
N LYS B 61 23.48 -6.56 29.00
CA LYS B 61 23.50 -6.64 27.54
C LYS B 61 22.67 -5.53 26.93
N PHE B 62 21.46 -5.32 27.42
CA PHE B 62 20.62 -4.23 26.90
C PHE B 62 21.22 -2.84 27.14
N SER B 63 21.84 -2.65 28.32
CA SER B 63 22.47 -1.36 28.62
C SER B 63 23.56 -1.09 27.60
N ARG B 64 24.33 -2.11 27.26
CA ARG B 64 25.37 -1.93 26.25
C ARG B 64 24.76 -1.63 24.87
N MET B 65 23.64 -2.29 24.54
CA MET B 65 22.95 -2.00 23.28
C MET B 65 22.55 -0.52 23.23
N CYS B 66 21.95 -0.04 24.30
CA CYS B 66 21.52 1.35 24.36
C CYS B 66 22.73 2.30 24.29
N GLN B 67 23.80 1.97 24.98
CA GLN B 67 24.97 2.83 24.96
C GLN B 67 25.60 2.93 23.57
N LYS B 68 25.44 1.88 22.77
CA LYS B 68 26.00 1.84 21.41
C LYS B 68 25.00 2.26 20.32
N SER B 69 23.82 2.73 20.72
CA SER B 69 22.74 2.97 19.77
C SER B 69 22.85 4.24 18.95
N GLY B 70 23.65 5.21 19.39
CA GLY B 70 23.64 6.53 18.76
C GLY B 70 22.44 7.40 19.09
N ILE B 71 21.66 6.97 20.08
CA ILE B 71 20.41 7.63 20.46
C ILE B 71 20.54 8.26 21.84
N LYS B 72 20.14 9.53 21.94
CA LYS B 72 20.09 10.24 23.24
C LYS B 72 18.68 10.19 23.84
N LYS B 73 17.65 10.29 23.02
CA LYS B 73 16.27 10.21 23.51
C LYS B 73 15.32 9.79 22.40
N ARG B 74 14.16 9.31 22.84
CA ARG B 74 13.04 8.92 22.01
C ARG B 74 11.74 9.39 22.63
N TYR B 75 10.69 9.42 21.82
CA TYR B 75 9.34 9.73 22.25
C TYR B 75 8.48 8.48 22.03
N MET B 76 7.69 8.10 23.04
N MET B 76 7.69 8.09 23.03
CA MET B 76 6.84 6.92 22.95
CA MET B 76 6.83 6.93 22.88
C MET B 76 5.46 7.16 23.52
C MET B 76 5.46 7.17 23.51
N HIS B 77 4.44 6.69 22.82
CA HIS B 77 3.07 6.75 23.33
C HIS B 77 2.90 5.81 24.53
N LEU B 78 3.53 4.64 24.45
CA LEU B 78 3.51 3.69 25.55
C LEU B 78 4.23 4.27 26.73
N ASN B 79 3.61 4.22 27.88
CA ASN B 79 4.27 4.61 29.11
C ASN B 79 3.76 3.74 30.25
N SER B 80 4.17 4.06 31.47
CA SER B 80 3.84 3.20 32.61
C SER B 80 2.36 2.85 32.78
N GLU B 81 1.46 3.85 32.77
CA GLU B 81 0.04 3.58 33.00
C GLU B 81 -0.54 2.61 31.97
N ILE B 82 -0.23 2.82 30.69
CA ILE B 82 -0.75 1.98 29.64
C ILE B 82 -0.18 0.57 29.76
N LEU B 83 1.12 0.48 30.03
CA LEU B 83 1.77 -0.83 30.15
C LEU B 83 1.26 -1.61 31.38
N LYS B 84 1.01 -0.91 32.49
CA LYS B 84 0.45 -1.59 33.66
C LYS B 84 -0.97 -2.09 33.41
N ALA B 85 -1.71 -1.37 32.59
CA ALA B 85 -3.09 -1.74 32.31
C ALA B 85 -3.18 -2.86 31.27
N ASN B 86 -2.08 -3.08 30.55
CA ASN B 86 -2.03 -4.08 29.48
C ASN B 86 -0.83 -5.01 29.64
N PRO B 87 -0.90 -5.90 30.63
CA PRO B 87 0.25 -6.74 30.95
C PRO B 87 0.72 -7.65 29.84
N SER B 88 -0.14 -7.98 28.89
CA SER B 88 0.31 -8.82 27.77
C SER B 88 1.38 -8.12 26.93
N LEU B 89 1.45 -6.78 26.99
CA LEU B 89 2.53 -6.05 26.31
C LEU B 89 3.86 -6.16 27.02
N CYS B 90 3.81 -6.35 28.34
CA CYS B 90 5.02 -6.41 29.17
C CYS B 90 5.68 -7.79 29.18
N ALA B 91 4.90 -8.82 28.86
CA ALA B 91 5.41 -10.18 28.79
C ALA B 91 6.42 -10.32 27.67
N TYR B 92 7.32 -11.30 27.78
CA TYR B 92 8.42 -11.40 26.83
C TYR B 92 7.98 -12.02 25.50
N TRP B 93 6.93 -12.83 25.48
CA TRP B 93 6.46 -13.46 24.25
C TRP B 93 5.04 -13.98 24.42
N GLU B 94 4.07 -13.10 24.24
CA GLU B 94 2.71 -13.34 24.66
C GLU B 94 1.75 -12.88 23.58
N LYS B 95 0.65 -13.62 23.40
CA LYS B 95 -0.40 -13.19 22.47
C LYS B 95 -0.91 -11.84 22.95
N SER B 96 -0.88 -10.86 22.06
CA SER B 96 -1.09 -9.48 22.41
C SER B 96 -1.47 -8.60 21.21
N LEU B 97 -1.68 -9.23 20.05
CA LEU B 97 -1.95 -8.44 18.83
C LEU B 97 -3.24 -7.62 18.92
N ASP B 98 -4.27 -8.17 19.57
CA ASP B 98 -5.52 -7.47 19.65
C ASP B 98 -5.34 -6.09 20.38
N VAL B 99 -4.64 -6.11 21.50
CA VAL B 99 -4.34 -4.88 22.23
C VAL B 99 -3.49 -3.92 21.37
N ARG B 100 -2.46 -4.46 20.72
CA ARG B 100 -1.58 -3.63 19.89
C ARG B 100 -2.34 -2.93 18.76
N GLN B 101 -3.22 -3.68 18.12
CA GLN B 101 -4.09 -3.15 17.08
C GLN B 101 -5.01 -2.04 17.61
N ASP B 102 -5.60 -2.28 18.79
CA ASP B 102 -6.49 -1.28 19.36
C ASP B 102 -5.77 0.05 19.57
N ILE B 103 -4.52 -0.03 20.06
CA ILE B 103 -3.73 1.18 20.25
C ILE B 103 -3.34 1.81 18.91
N ALA B 104 -2.82 1.01 18.00
CA ALA B 104 -2.29 1.54 16.74
C ALA B 104 -3.36 2.18 15.86
N VAL B 105 -4.55 1.60 15.81
CA VAL B 105 -5.54 2.08 14.86
C VAL B 105 -6.01 3.49 15.18
N VAL B 106 -5.89 3.92 16.45
CA VAL B 106 -6.19 5.31 16.81
C VAL B 106 -4.92 6.20 16.88
N GLU B 107 -3.81 5.69 17.42
CA GLU B 107 -2.66 6.56 17.60
C GLU B 107 -1.95 6.90 16.29
N VAL B 108 -1.90 5.96 15.36
CA VAL B 108 -1.22 6.23 14.09
C VAL B 108 -1.87 7.41 13.31
N PRO B 109 -3.20 7.38 13.10
CA PRO B 109 -3.77 8.56 12.43
C PRO B 109 -3.75 9.83 13.31
N LYS B 110 -3.79 9.70 14.64
CA LYS B 110 -3.71 10.89 15.51
C LYS B 110 -2.37 11.61 15.30
N LEU B 111 -1.27 10.86 15.33
CA LEU B 111 0.03 11.46 15.20
C LEU B 111 0.18 12.00 13.77
N GLY B 112 -0.39 11.28 12.82
CA GLY B 112 -0.39 11.74 11.43
C GLY B 112 -1.15 13.04 11.24
N LYS B 113 -2.26 13.19 11.96
CA LYS B 113 -3.08 14.41 11.94
C LYS B 113 -2.27 15.60 12.48
N GLU B 114 -1.58 15.36 13.60
CA GLU B 114 -0.78 16.40 14.21
C GLU B 114 0.32 16.92 13.26
N ALA B 115 1.05 15.99 12.65
CA ALA B 115 2.09 16.37 11.67
C ALA B 115 1.45 17.09 10.46
N SER B 116 0.33 16.57 9.99
CA SER B 116 -0.33 17.13 8.79
C SER B 116 -0.80 18.56 9.05
N LEU B 117 -1.35 18.81 10.23
CA LEU B 117 -1.84 20.16 10.54
C LEU B 117 -0.69 21.16 10.49
N LYS B 118 0.49 20.72 10.96
CA LYS B 118 1.65 21.63 10.97
C LYS B 118 2.13 21.88 9.54
N ALA B 119 2.15 20.82 8.73
CA ALA B 119 2.50 20.96 7.31
C ALA B 119 1.55 21.90 6.57
N ILE B 120 0.25 21.73 6.78
CA ILE B 120 -0.76 22.54 6.11
C ILE B 120 -0.64 24.00 6.56
N LYS B 121 -0.37 24.23 7.84
CA LYS B 121 -0.19 25.59 8.33
C LYS B 121 1.00 26.27 7.65
N GLU B 122 2.13 25.56 7.54
CA GLU B 122 3.29 26.10 6.82
C GLU B 122 2.94 26.40 5.38
N TRP B 123 2.32 25.43 4.72
CA TRP B 123 1.95 25.55 3.31
C TRP B 123 1.12 26.80 3.03
N GLY B 124 0.12 27.03 3.88
CA GLY B 124 -0.63 28.28 3.86
C GLY B 124 -1.80 28.28 2.90
N GLN B 125 -2.06 27.13 2.26
CA GLN B 125 -3.19 26.99 1.35
C GLN B 125 -4.33 26.28 2.05
N PRO B 126 -5.56 26.46 1.54
CA PRO B 126 -6.70 25.77 2.17
C PRO B 126 -6.58 24.25 2.04
N LYS B 127 -6.94 23.50 3.08
CA LYS B 127 -6.83 22.04 3.04
C LYS B 127 -7.71 21.44 1.94
N SER B 128 -8.72 22.18 1.47
CA SER B 128 -9.55 21.71 0.38
C SER B 128 -8.79 21.54 -0.94
N LYS B 129 -7.62 22.16 -1.04
CA LYS B 129 -6.78 22.03 -2.25
C LYS B 129 -5.96 20.74 -2.29
N ILE B 130 -5.98 19.97 -1.21
CA ILE B 130 -5.33 18.67 -1.18
C ILE B 130 -6.16 17.69 -2.01
N THR B 131 -5.58 17.17 -3.08
CA THR B 131 -6.29 16.30 -4.03
C THR B 131 -5.99 14.81 -3.81
N HIS B 132 -4.86 14.52 -3.20
CA HIS B 132 -4.36 13.17 -3.03
C HIS B 132 -3.71 13.02 -1.65
N LEU B 133 -3.76 11.80 -1.13
CA LEU B 133 -3.12 11.45 0.14
C LEU B 133 -2.36 10.14 -0.01
N VAL B 134 -1.10 10.14 0.39
CA VAL B 134 -0.30 8.93 0.51
C VAL B 134 -0.02 8.75 1.99
N PHE B 135 -0.44 7.62 2.57
CA PHE B 135 -0.26 7.36 4.02
C PHE B 135 0.52 6.06 4.16
N CYS B 136 1.57 6.11 4.96
CA CYS B 136 2.44 4.98 5.20
C CYS B 136 2.61 4.70 6.71
N THR B 137 2.40 3.44 7.10
CA THR B 137 2.74 2.99 8.47
C THR B 137 3.03 1.52 8.47
N THR B 138 3.87 1.08 9.40
CA THR B 138 4.13 -0.32 9.66
C THR B 138 3.52 -0.73 11.02
N SER B 139 2.71 0.15 11.61
CA SER B 139 2.09 -0.09 12.92
C SER B 139 0.62 -0.41 12.77
N GLY B 140 0.27 -1.67 12.63
CA GLY B 140 -1.12 -2.07 12.59
C GLY B 140 -1.73 -1.92 11.21
N VAL B 141 -2.91 -2.51 11.07
CA VAL B 141 -3.69 -2.42 9.84
C VAL B 141 -5.15 -2.44 10.24
N ASP B 142 -5.98 -1.80 9.43
CA ASP B 142 -7.43 -1.74 9.68
C ASP B 142 -8.15 -1.42 8.38
N MET B 143 -9.46 -1.67 8.32
CA MET B 143 -10.30 -1.37 7.16
C MET B 143 -11.55 -0.65 7.60
N PRO B 144 -11.81 0.58 7.10
CA PRO B 144 -10.92 1.44 6.33
C PRO B 144 -9.60 1.68 7.06
N GLY B 145 -8.60 2.04 6.27
CA GLY B 145 -7.27 2.26 6.77
C GLY B 145 -7.05 3.61 7.40
N ALA B 146 -5.80 3.81 7.83
CA ALA B 146 -5.37 5.05 8.46
C ALA B 146 -5.53 6.25 7.53
N ASP B 147 -5.46 5.99 6.22
CA ASP B 147 -5.69 7.05 5.24
C ASP B 147 -7.10 7.62 5.34
N TRP B 148 -8.06 6.72 5.49
CA TRP B 148 -9.44 7.11 5.66
C TRP B 148 -9.64 7.84 7.00
N ALA B 149 -9.06 7.30 8.06
CA ALA B 149 -9.15 7.93 9.37
C ALA B 149 -8.59 9.35 9.32
N LEU B 150 -7.45 9.52 8.66
CA LEU B 150 -6.85 10.84 8.56
C LEU B 150 -7.74 11.81 7.76
N THR B 151 -8.29 11.30 6.66
CA THR B 151 -9.22 12.07 5.83
C THR B 151 -10.38 12.61 6.67
N LYS B 152 -10.94 11.74 7.51
CA LYS B 152 -12.00 12.17 8.43
C LYS B 152 -11.50 13.17 9.46
N LEU B 153 -10.37 12.87 10.10
CA LEU B 153 -9.86 13.73 11.15
C LEU B 153 -9.54 15.14 10.70
N LEU B 154 -8.97 15.26 9.50
CA LEU B 154 -8.64 16.55 8.93
C LEU B 154 -9.76 17.24 8.17
N GLY B 155 -10.82 16.50 7.85
CA GLY B 155 -11.86 17.05 6.99
C GLY B 155 -11.40 17.32 5.58
N LEU B 156 -10.60 16.43 5.02
CA LEU B 156 -10.22 16.54 3.61
C LEU B 156 -11.44 16.30 2.74
N ARG B 157 -11.34 16.71 1.48
CA ARG B 157 -12.43 16.52 0.54
C ARG B 157 -12.73 15.02 0.44
N PRO B 158 -14.03 14.67 0.36
CA PRO B 158 -14.39 13.25 0.37
C PRO B 158 -13.95 12.53 -0.93
N SER B 159 -13.60 13.30 -1.95
CA SER B 159 -13.09 12.74 -3.19
C SER B 159 -11.56 12.72 -3.24
N VAL B 160 -10.92 12.87 -2.09
CA VAL B 160 -9.46 12.75 -2.05
C VAL B 160 -9.02 11.37 -2.54
N LYS B 161 -7.99 11.33 -3.40
CA LYS B 161 -7.50 10.09 -3.97
C LYS B 161 -6.36 9.56 -3.10
N ARG B 162 -6.59 8.40 -2.49
CA ARG B 162 -5.72 7.87 -1.45
C ARG B 162 -4.88 6.69 -1.91
N LEU B 163 -3.67 6.61 -1.34
CA LEU B 163 -2.75 5.50 -1.48
C LEU B 163 -2.27 5.11 -0.10
N MET B 164 -2.82 4.01 0.37
CA MET B 164 -2.54 3.46 1.70
C MET B 164 -1.48 2.38 1.62
N MET B 165 -0.35 2.65 2.28
N MET B 165 -0.34 2.62 2.28
CA MET B 165 0.84 1.81 2.26
CA MET B 165 0.81 1.74 2.21
C MET B 165 1.07 1.25 3.67
C MET B 165 1.17 1.18 3.58
N TYR B 166 0.62 0.01 3.87
CA TYR B 166 0.82 -0.70 5.13
C TYR B 166 1.99 -1.67 5.08
N GLN B 167 2.67 -1.79 6.22
CA GLN B 167 3.56 -2.90 6.53
C GLN B 167 4.83 -2.96 5.68
N GLN B 168 5.33 -1.82 5.22
CA GLN B 168 6.53 -1.88 4.37
C GLN B 168 7.84 -1.78 5.13
N GLY B 169 7.80 -1.21 6.32
CA GLY B 169 9.03 -1.06 7.10
C GLY B 169 9.86 0.13 6.72
N CSD B 170 11.14 0.07 7.02
CA CSD B 170 12.11 1.13 7.17
CB CSD B 170 13.28 0.73 8.02
SG CSD B 170 13.00 0.76 9.79
C CSD B 170 12.52 1.83 5.90
O CSD B 170 13.11 2.90 5.93
OD1 CSD B 170 14.40 0.56 10.34
OD2 CSD B 170 12.27 -0.73 9.96
H CSD B 170 10.88 1.03 6.91
HA CSD B 170 11.55 1.94 7.76
HB2 CSD B 170 14.16 1.37 7.75
HB3 CSD B 170 13.57 -0.31 7.72
HD2 CSD B 170 12.89 -1.46 9.83
N PHE B 171 12.23 1.25 4.73
CA PHE B 171 12.60 1.89 3.46
C PHE B 171 11.54 2.82 2.93
N ALA B 172 10.36 2.82 3.54
CA ALA B 172 9.19 3.42 2.91
C ALA B 172 9.11 4.95 2.92
N GLY B 173 10.02 5.61 3.61
CA GLY B 173 10.15 7.06 3.47
C GLY B 173 10.61 7.43 2.08
N GLY B 174 11.46 6.61 1.50
CA GLY B 174 11.79 6.73 0.08
C GLY B 174 10.62 6.34 -0.81
N THR B 175 9.95 5.23 -0.49
CA THR B 175 8.84 4.74 -1.28
C THR B 175 7.75 5.79 -1.42
N VAL B 176 7.36 6.46 -0.35
CA VAL B 176 6.23 7.39 -0.48
C VAL B 176 6.59 8.57 -1.39
N LEU B 177 7.87 8.98 -1.39
CA LEU B 177 8.29 10.07 -2.26
C LEU B 177 8.33 9.60 -3.71
N ARG B 178 8.79 8.37 -3.94
CA ARG B 178 8.80 7.81 -5.28
C ARG B 178 7.38 7.75 -5.85
N VAL B 179 6.46 7.26 -5.05
CA VAL B 179 5.07 7.12 -5.47
C VAL B 179 4.44 8.50 -5.67
N ALA B 180 4.64 9.42 -4.74
CA ALA B 180 3.96 10.70 -4.79
C ALA B 180 4.50 11.54 -5.97
N LYS B 181 5.76 11.32 -6.35
CA LYS B 181 6.35 12.04 -7.48
C LYS B 181 5.49 11.89 -8.73
N ASP B 182 5.11 10.65 -9.04
CA ASP B 182 4.32 10.37 -10.22
C ASP B 182 2.91 10.96 -10.10
N VAL B 183 2.35 10.94 -8.91
CA VAL B 183 1.02 11.54 -8.69
C VAL B 183 1.06 13.04 -8.96
N ALA B 184 2.03 13.74 -8.38
CA ALA B 184 2.12 15.18 -8.53
C ALA B 184 2.40 15.58 -9.97
N GLU B 185 3.33 14.88 -10.61
CA GLU B 185 3.77 15.25 -11.94
C GLU B 185 2.75 14.93 -13.02
N ASN B 186 1.97 13.88 -12.83
CA ASN B 186 1.03 13.45 -13.87
C ASN B 186 -0.37 14.04 -13.77
N ASN B 187 -0.60 14.92 -12.81
CA ASN B 187 -1.92 15.47 -12.53
C ASN B 187 -1.85 16.98 -12.31
N LYS B 188 -2.26 17.75 -13.30
CA LYS B 188 -2.21 19.21 -13.21
C LYS B 188 -3.01 19.69 -12.02
N GLY B 189 -2.37 20.50 -11.16
CA GLY B 189 -3.00 21.08 -10.00
C GLY B 189 -2.96 20.19 -8.79
N ALA B 190 -2.46 18.95 -8.93
CA ALA B 190 -2.46 18.04 -7.78
C ALA B 190 -1.59 18.53 -6.65
N ARG B 191 -2.13 18.42 -5.44
CA ARG B 191 -1.39 18.69 -4.22
C ARG B 191 -1.54 17.47 -3.32
N VAL B 192 -0.40 16.85 -3.04
CA VAL B 192 -0.37 15.54 -2.39
C VAL B 192 0.09 15.70 -0.95
N LEU B 193 -0.73 15.24 -0.01
CA LEU B 193 -0.33 15.13 1.38
C LEU B 193 0.30 13.78 1.57
N VAL B 194 1.56 13.72 2.05
CA VAL B 194 2.30 12.48 2.18
C VAL B 194 2.62 12.34 3.65
N VAL B 195 2.17 11.26 4.28
CA VAL B 195 2.29 11.08 5.71
C VAL B 195 2.92 9.75 6.02
N CYS B 196 3.96 9.79 6.85
CA CYS B 196 4.56 8.61 7.48
C CYS B 196 4.34 8.69 8.97
N SER B 197 3.71 7.67 9.56
CA SER B 197 3.42 7.67 10.99
C SER B 197 3.74 6.31 11.55
N GLU B 198 4.66 6.26 12.53
CA GLU B 198 5.22 5.00 13.02
C GLU B 198 5.25 5.01 14.56
N ILE B 199 4.75 3.93 15.17
CA ILE B 199 4.70 3.81 16.63
C ILE B 199 5.02 2.39 17.09
N THR B 200 5.67 2.32 18.23
CA THR B 200 6.31 1.09 18.69
C THR B 200 5.39 0.14 19.44
N CYS B 201 4.10 0.45 19.54
CA CYS B 201 3.19 -0.45 20.26
C CYS B 201 3.09 -1.84 19.62
N VAL B 202 3.44 -1.98 18.35
CA VAL B 202 3.30 -3.31 17.73
C VAL B 202 4.51 -4.22 17.99
N THR B 203 5.65 -3.64 18.37
CA THR B 203 6.88 -4.38 18.66
C THR B 203 7.31 -4.42 20.14
N PHE B 204 6.76 -3.55 20.99
CA PHE B 204 7.15 -3.52 22.40
C PHE B 204 6.85 -4.83 23.07
N ARG B 205 7.83 -5.43 23.72
CA ARG B 205 7.61 -6.62 24.53
C ARG B 205 8.77 -6.71 25.53
N GLY B 206 8.56 -7.52 26.57
CA GLY B 206 9.55 -7.72 27.60
C GLY B 206 10.79 -8.42 27.03
N PRO B 207 11.89 -8.36 27.79
CA PRO B 207 13.18 -8.87 27.32
C PRO B 207 13.37 -10.37 27.51
N SER B 208 14.03 -11.01 26.53
CA SER B 208 14.47 -12.37 26.69
C SER B 208 15.66 -12.69 25.79
N GLU B 209 16.49 -13.61 26.26
CA GLU B 209 17.65 -14.07 25.49
C GLU B 209 17.23 -14.81 24.23
N THR B 210 16.02 -15.37 24.22
CA THR B 210 15.53 -16.11 23.07
C THR B 210 14.96 -15.24 21.95
N HIS B 211 14.80 -13.94 22.23
CA HIS B 211 14.27 -13.01 21.26
C HIS B 211 15.14 -11.74 21.25
N LEU B 212 16.41 -11.94 20.92
CA LEU B 212 17.36 -10.82 20.91
C LEU B 212 17.11 -9.82 19.79
N ASP B 213 16.53 -10.24 18.66
CA ASP B 213 16.23 -9.25 17.63
C ASP B 213 15.17 -8.26 18.11
N SER B 214 14.22 -8.76 18.89
N SER B 214 14.19 -8.74 18.89
CA SER B 214 13.23 -7.93 19.53
CA SER B 214 13.23 -7.86 19.51
C SER B 214 13.87 -6.95 20.50
C SER B 214 13.92 -6.91 20.47
N LEU B 215 14.86 -7.43 21.26
CA LEU B 215 15.57 -6.60 22.23
C LEU B 215 16.33 -5.47 21.54
N VAL B 216 16.98 -5.76 20.42
CA VAL B 216 17.65 -4.72 19.63
C VAL B 216 16.65 -3.63 19.21
N GLY B 217 15.45 -4.04 18.79
CA GLY B 217 14.42 -3.07 18.44
C GLY B 217 14.03 -2.19 19.63
N GLN B 218 14.04 -2.73 20.83
CA GLN B 218 13.67 -1.96 22.00
C GLN B 218 14.73 -0.88 22.31
N ALA B 219 15.96 -1.09 21.83
CA ALA B 219 17.02 -0.08 21.99
C ALA B 219 16.89 1.02 20.92
N LEU B 220 16.27 0.73 19.78
CA LEU B 220 16.35 1.62 18.62
C LEU B 220 15.06 2.32 18.20
N PHE B 221 13.94 1.60 18.21
CA PHE B 221 12.71 2.12 17.61
C PHE B 221 12.04 3.17 18.48
N GLY B 222 11.61 4.25 17.85
CA GLY B 222 10.88 5.31 18.52
C GLY B 222 9.65 5.73 17.73
N ASP B 223 8.82 6.58 18.33
CA ASP B 223 7.57 7.01 17.69
C ASP B 223 7.70 8.39 17.02
N GLY B 224 7.05 8.56 15.88
CA GLY B 224 7.01 9.85 15.22
C GLY B 224 6.16 9.82 13.95
N ALA B 225 5.70 10.99 13.54
CA ALA B 225 5.06 11.15 12.25
C ALA B 225 5.61 12.40 11.55
N ALA B 226 5.68 12.30 10.23
CA ALA B 226 6.07 13.42 9.38
C ALA B 226 5.08 13.52 8.22
N ALA B 227 4.77 14.76 7.83
CA ALA B 227 3.87 15.05 6.73
C ALA B 227 4.51 16.06 5.80
N VAL B 228 4.40 15.77 4.50
CA VAL B 228 4.89 16.62 3.43
C VAL B 228 3.75 17.03 2.53
N ILE B 229 3.76 18.26 2.05
CA ILE B 229 2.92 18.65 0.93
C ILE B 229 3.79 18.65 -0.31
N LEU B 230 3.35 17.89 -1.32
CA LEU B 230 4.10 17.75 -2.57
C LEU B 230 3.27 18.23 -3.74
N GLY B 231 3.88 18.98 -4.65
CA GLY B 231 3.16 19.41 -5.84
C GLY B 231 4.11 19.90 -6.92
N SER B 232 3.70 19.75 -8.16
CA SER B 232 4.43 20.34 -9.28
C SER B 232 3.87 21.73 -9.57
N ASP B 233 4.67 22.55 -10.26
CA ASP B 233 4.24 23.88 -10.71
C ASP B 233 3.77 24.75 -9.55
N PRO B 234 4.71 25.11 -8.65
CA PRO B 234 4.35 25.89 -7.47
C PRO B 234 3.75 27.25 -7.84
N LEU B 235 2.78 27.66 -7.02
CA LEU B 235 2.15 28.97 -7.11
C LEU B 235 3.03 30.02 -6.45
N PRO B 236 2.87 31.30 -6.81
CA PRO B 236 3.73 32.32 -6.20
C PRO B 236 3.64 32.37 -4.67
N GLU B 237 2.48 31.98 -4.11
CA GLU B 237 2.23 31.99 -2.67
C GLU B 237 2.79 30.76 -1.97
N GLU B 238 3.25 29.78 -2.75
CA GLU B 238 3.87 28.57 -2.19
C GLU B 238 5.41 28.72 -2.14
N ASN B 239 6.04 27.84 -1.36
CA ASN B 239 7.46 28.00 -0.98
C ASN B 239 8.21 26.69 -1.11
N PRO B 240 8.75 26.40 -2.31
CA PRO B 240 9.55 25.20 -2.50
C PRO B 240 10.73 25.08 -1.53
N CYS B 241 11.02 23.88 -1.03
CA CYS B 241 12.30 23.66 -0.34
C CYS B 241 13.16 22.53 -0.95
N PHE B 242 12.54 21.58 -1.66
CA PHE B 242 13.30 20.53 -2.39
C PHE B 242 12.51 20.12 -3.62
N GLU B 243 13.21 19.63 -4.63
CA GLU B 243 12.59 19.03 -5.82
C GLU B 243 12.97 17.57 -5.92
N LEU B 244 12.02 16.74 -6.33
CA LEU B 244 12.31 15.34 -6.65
C LEU B 244 12.62 15.18 -8.13
N HIS B 245 13.74 14.53 -8.47
CA HIS B 245 14.15 14.45 -9.86
C HIS B 245 14.32 13.05 -10.42
N TRP B 246 14.50 12.05 -9.56
CA TRP B 246 14.71 10.69 -10.02
C TRP B 246 14.48 9.77 -8.85
N SER B 247 13.97 8.58 -9.13
CA SER B 247 13.80 7.57 -8.10
C SER B 247 14.13 6.19 -8.63
N GLY B 248 14.58 5.33 -7.72
CA GLY B 248 14.85 3.94 -8.04
C GLY B 248 14.76 3.07 -6.81
N SER B 249 14.72 1.76 -7.06
CA SER B 249 14.73 0.72 -6.04
C SER B 249 15.74 -0.34 -6.40
N ASN B 250 16.35 -0.95 -5.39
CA ASN B 250 17.24 -2.07 -5.58
C ASN B 250 17.09 -3.10 -4.48
N ILE B 251 16.94 -4.36 -4.87
CA ILE B 251 17.07 -5.47 -3.95
C ILE B 251 18.54 -5.89 -4.00
N LEU B 252 19.23 -5.76 -2.87
CA LEU B 252 20.67 -5.97 -2.87
C LEU B 252 21.06 -7.44 -3.02
N PRO B 253 22.20 -7.71 -3.65
CA PRO B 253 22.61 -9.10 -3.83
C PRO B 253 22.90 -9.80 -2.51
N ASP B 254 22.68 -11.11 -2.50
CA ASP B 254 23.02 -11.96 -1.36
C ASP B 254 22.44 -11.44 -0.07
N SER B 255 21.18 -10.99 -0.13
CA SER B 255 20.56 -10.38 1.03
C SER B 255 19.22 -11.03 1.41
N ASP B 256 18.93 -12.20 0.88
CA ASP B 256 17.70 -12.91 1.26
C ASP B 256 17.65 -13.14 2.77
N GLY B 257 16.55 -12.73 3.39
CA GLY B 257 16.35 -12.96 4.81
C GLY B 257 17.09 -11.99 5.73
N ALA B 258 17.75 -10.99 5.16
CA ALA B 258 18.48 -10.05 5.97
C ALA B 258 17.59 -9.35 7.00
N ILE B 259 16.41 -8.89 6.57
CA ILE B 259 15.44 -8.29 7.46
C ILE B 259 14.06 -8.84 7.13
N ASP B 260 13.56 -9.74 7.97
CA ASP B 260 12.17 -10.23 7.85
C ASP B 260 11.35 -9.68 9.01
N GLY B 261 10.06 -9.51 8.81
CA GLY B 261 9.17 -9.05 9.84
C GLY B 261 7.83 -9.72 9.64
N HIS B 262 7.32 -10.35 10.68
CA HIS B 262 6.09 -11.13 10.59
C HIS B 262 5.07 -10.58 11.57
N LEU B 263 3.85 -10.38 11.12
CA LEU B 263 2.78 -9.92 12.01
C LEU B 263 2.05 -11.16 12.52
N ARG B 264 2.27 -11.47 13.79
CA ARG B 264 1.79 -12.70 14.43
C ARG B 264 0.86 -12.35 15.60
N GLU B 265 0.29 -13.35 16.26
CA GLU B 265 -0.56 -13.08 17.41
C GLU B 265 0.23 -12.46 18.59
N VAL B 266 1.55 -12.65 18.63
CA VAL B 266 2.41 -12.03 19.64
C VAL B 266 2.79 -10.60 19.28
N GLY B 267 2.31 -10.09 18.14
CA GLY B 267 2.66 -8.77 17.62
C GLY B 267 3.60 -8.86 16.43
N LEU B 268 4.18 -7.72 16.10
CA LEU B 268 5.17 -7.69 15.01
C LEU B 268 6.49 -8.18 15.53
N THR B 269 7.09 -9.13 14.82
CA THR B 269 8.37 -9.68 15.21
C THR B 269 9.34 -9.63 14.06
N PHE B 270 10.47 -8.99 14.28
CA PHE B 270 11.54 -8.93 13.30
C PHE B 270 12.55 -10.06 13.51
N HIS B 271 13.11 -10.54 12.40
CA HIS B 271 14.13 -11.59 12.42
C HIS B 271 15.20 -11.15 11.43
N LEU B 272 16.42 -10.90 11.91
CA LEU B 272 17.50 -10.43 11.03
C LEU B 272 18.53 -11.55 10.92
N MET B 273 18.94 -11.85 9.69
CA MET B 273 19.74 -13.06 9.47
C MET B 273 21.02 -12.82 8.72
N LYS B 274 21.31 -11.57 8.40
CA LYS B 274 22.59 -11.26 7.74
C LYS B 274 23.14 -9.94 8.25
N ASP B 275 24.36 -9.63 7.83
CA ASP B 275 25.07 -8.42 8.27
C ASP B 275 24.57 -7.23 7.47
N VAL B 276 23.53 -6.58 7.98
CA VAL B 276 22.85 -5.53 7.25
C VAL B 276 23.79 -4.36 6.91
N PRO B 277 24.55 -3.85 7.89
CA PRO B 277 25.48 -2.76 7.52
C PRO B 277 26.48 -3.15 6.46
N GLY B 278 26.98 -4.39 6.53
CA GLY B 278 27.94 -4.89 5.57
C GLY B 278 27.35 -4.95 4.18
N ILE B 279 26.13 -5.44 4.08
CA ILE B 279 25.48 -5.58 2.79
C ILE B 279 25.20 -4.20 2.20
N ILE B 280 24.69 -3.29 3.00
CA ILE B 280 24.39 -1.95 2.50
C ILE B 280 25.68 -1.25 2.09
N SER B 281 26.68 -1.22 2.95
CA SER B 281 27.90 -0.50 2.61
C SER B 281 28.67 -1.14 1.44
N LYS B 282 28.60 -2.47 1.27
CA LYS B 282 29.26 -3.15 0.13
C LYS B 282 28.68 -2.77 -1.24
N ASN B 283 27.38 -2.46 -1.26
CA ASN B 283 26.65 -2.27 -2.52
C ASN B 283 26.26 -0.83 -2.80
N ILE B 284 26.37 0.06 -1.80
CA ILE B 284 25.81 1.39 -1.95
C ILE B 284 26.54 2.22 -3.00
N GLY B 285 27.85 2.00 -3.17
CA GLY B 285 28.57 2.68 -4.22
C GLY B 285 27.99 2.45 -5.58
N LYS B 286 27.67 1.18 -5.87
CA LYS B 286 27.11 0.84 -7.17
C LYS B 286 25.68 1.37 -7.30
N VAL B 287 24.91 1.30 -6.22
CA VAL B 287 23.56 1.84 -6.25
C VAL B 287 23.59 3.32 -6.65
N LEU B 288 24.50 4.08 -6.02
CA LEU B 288 24.57 5.51 -6.28
C LEU B 288 25.13 5.81 -7.66
N ASN B 289 26.15 5.08 -8.09
CA ASN B 289 26.70 5.32 -9.42
C ASN B 289 25.65 5.04 -10.48
N ASP B 290 24.89 3.96 -10.29
CA ASP B 290 23.88 3.58 -11.29
C ASP B 290 22.75 4.60 -11.32
N ALA B 291 22.38 5.11 -10.14
CA ALA B 291 21.33 6.13 -10.03
C ALA B 291 21.73 7.41 -10.72
N PHE B 292 22.92 7.93 -10.40
CA PHE B 292 23.38 9.17 -11.01
C PHE B 292 23.69 9.03 -12.50
N ARG B 293 24.17 7.87 -12.95
CA ARG B 293 24.36 7.62 -14.38
C ARG B 293 23.02 7.69 -15.10
N SER B 294 22.00 7.05 -14.53
CA SER B 294 20.68 7.03 -15.14
C SER B 294 20.04 8.41 -15.17
N ALA B 295 20.12 9.11 -14.04
CA ALA B 295 19.51 10.42 -13.91
C ALA B 295 20.18 11.48 -14.78
N PHE B 296 21.51 11.46 -14.86
CA PHE B 296 22.25 12.52 -15.57
C PHE B 296 22.75 12.06 -16.93
N ASP B 297 23.63 11.06 -16.96
CA ASP B 297 24.27 10.65 -18.21
C ASP B 297 23.27 10.15 -19.26
N GLU B 298 22.30 9.35 -18.84
CA GLU B 298 21.36 8.75 -19.78
C GLU B 298 20.26 9.73 -20.22
N SER B 299 20.12 10.84 -19.52
CA SER B 299 19.10 11.83 -19.85
C SER B 299 19.64 13.01 -20.67
N GLY B 300 20.94 12.99 -20.97
CA GLY B 300 21.56 14.07 -21.71
C GLY B 300 22.05 15.24 -20.86
N ASN B 301 22.19 15.00 -19.56
CA ASN B 301 22.65 16.03 -18.62
C ASN B 301 23.94 15.61 -17.91
N ALA B 302 24.82 14.90 -18.61
CA ALA B 302 26.10 14.47 -18.07
C ALA B 302 26.90 15.62 -17.44
N GLU B 303 26.82 16.78 -18.07
CA GLU B 303 27.55 17.96 -17.63
C GLU B 303 27.18 18.36 -16.21
N ASP B 304 25.95 18.07 -15.82
CA ASP B 304 25.44 18.50 -14.51
C ASP B 304 25.68 17.47 -13.41
N ARG B 305 26.26 16.33 -13.75
CA ARG B 305 26.45 15.27 -12.75
C ARG B 305 27.47 15.68 -11.71
N PRO B 306 27.12 15.63 -10.41
CA PRO B 306 28.12 15.97 -9.38
C PRO B 306 29.38 15.11 -9.48
N ALA B 307 30.53 15.70 -9.17
CA ALA B 307 31.80 15.03 -9.39
C ALA B 307 32.09 13.92 -8.39
N SER B 308 31.49 13.99 -7.22
CA SER B 308 31.67 12.92 -6.23
C SER B 308 30.53 12.88 -5.23
N VAL B 309 30.48 11.81 -4.44
CA VAL B 309 29.47 11.68 -3.39
C VAL B 309 29.69 12.67 -2.24
N ASN B 310 30.85 13.31 -2.17
CA ASN B 310 30.99 14.39 -1.20
C ASN B 310 30.48 15.73 -1.73
N ASP B 311 30.07 15.78 -3.00
CA ASP B 311 29.56 17.02 -3.58
C ASP B 311 28.02 17.06 -3.63
N ILE B 312 27.39 16.12 -2.94
CA ILE B 312 25.93 16.05 -2.82
C ILE B 312 25.57 16.03 -1.33
N PHE B 313 24.35 16.44 -0.99
CA PHE B 313 23.89 16.30 0.38
C PHE B 313 23.25 14.94 0.58
N TRP B 314 23.29 14.45 1.81
CA TRP B 314 22.89 13.10 2.17
C TRP B 314 21.75 13.12 3.19
N ILE B 315 20.74 12.31 2.91
CA ILE B 315 19.64 12.00 3.83
C ILE B 315 19.52 10.49 3.84
N ALA B 316 19.99 9.85 4.90
CA ALA B 316 20.01 8.39 4.95
C ALA B 316 19.16 7.88 6.09
N HIS B 317 18.45 6.78 5.85
CA HIS B 317 17.67 6.18 6.93
C HIS B 317 18.61 5.63 8.01
N PRO B 318 18.44 6.09 9.26
CA PRO B 318 19.35 5.63 10.31
C PRO B 318 18.86 4.35 11.01
N GLY B 319 18.88 3.26 10.28
CA GLY B 319 18.37 2.00 10.80
C GLY B 319 19.13 1.55 12.03
N GLY B 320 20.40 1.88 12.05
CA GLY B 320 21.24 1.72 13.22
C GLY B 320 22.52 2.48 12.94
N PRO B 321 23.26 2.81 13.99
CA PRO B 321 24.48 3.59 13.77
C PRO B 321 25.54 2.89 12.92
N ALA B 322 25.59 1.57 12.96
CA ALA B 322 26.60 0.85 12.18
C ALA B 322 26.37 1.01 10.68
N ILE B 323 25.12 1.14 10.25
CA ILE B 323 24.84 1.38 8.84
C ILE B 323 25.51 2.68 8.40
N LEU B 324 25.30 3.73 9.19
CA LEU B 324 25.83 5.05 8.88
C LEU B 324 27.36 5.03 8.90
N ASP B 325 27.92 4.40 9.92
CA ASP B 325 29.36 4.31 10.08
C ASP B 325 30.03 3.60 8.89
N GLN B 326 29.46 2.47 8.47
CA GLN B 326 30.10 1.67 7.43
C GLN B 326 29.90 2.33 6.06
N VAL B 327 28.77 2.99 5.85
CA VAL B 327 28.58 3.71 4.60
C VAL B 327 29.57 4.88 4.50
N GLU B 328 29.71 5.62 5.58
CA GLU B 328 30.66 6.73 5.67
C GLU B 328 32.08 6.24 5.34
N GLU B 329 32.46 5.10 5.91
CA GLU B 329 33.81 4.61 5.72
C GLU B 329 34.04 4.14 4.27
N LYS B 330 33.10 3.35 3.75
CA LYS B 330 33.26 2.76 2.43
C LYS B 330 33.24 3.81 1.34
N MET B 331 32.41 4.82 1.52
CA MET B 331 32.24 5.87 0.53
C MET B 331 33.16 7.05 0.72
N LYS B 332 33.99 7.00 1.76
CA LYS B 332 34.96 8.06 2.04
C LYS B 332 34.27 9.42 2.20
N LEU B 333 33.20 9.44 2.98
CA LEU B 333 32.44 10.65 3.19
C LEU B 333 33.13 11.59 4.15
N ALA B 334 33.05 12.88 3.83
CA ALA B 334 33.47 13.93 4.75
C ALA B 334 32.69 13.76 6.04
N PRO B 335 33.31 14.16 7.16
CA PRO B 335 32.68 13.88 8.46
C PRO B 335 31.33 14.55 8.65
N GLU B 336 31.06 15.63 7.93
CA GLU B 336 29.79 16.34 8.07
C GLU B 336 28.63 15.74 7.24
N LYS B 337 28.91 14.82 6.31
CA LYS B 337 27.84 14.38 5.40
C LYS B 337 26.68 13.72 6.15
N MET B 338 27.01 12.92 7.15
CA MET B 338 26.00 12.20 7.94
C MET B 338 25.49 13.01 9.15
N ARG B 339 25.86 14.28 9.26
CA ARG B 339 25.53 15.03 10.49
C ARG B 339 24.02 15.20 10.71
N ALA B 340 23.28 15.59 9.68
CA ALA B 340 21.86 15.82 9.83
C ALA B 340 21.16 14.50 10.16
N THR B 341 21.55 13.44 9.47
CA THR B 341 21.04 12.09 9.73
C THR B 341 21.30 11.64 11.17
N ARG B 342 22.54 11.81 11.63
CA ARG B 342 22.89 11.38 12.98
C ARG B 342 22.18 12.23 14.04
N ASP B 343 21.96 13.51 13.74
N ASP B 343 21.92 13.50 13.75
CA ASP B 343 21.20 14.40 14.61
CA ASP B 343 21.21 14.35 14.69
C ASP B 343 19.83 13.82 14.91
C ASP B 343 19.79 13.83 14.93
N VAL B 344 19.13 13.39 13.87
CA VAL B 344 17.78 12.88 14.03
C VAL B 344 17.79 11.54 14.76
N LEU B 345 18.71 10.64 14.41
CA LEU B 345 18.89 9.42 15.23
C LEU B 345 19.09 9.77 16.70
N SER B 346 19.93 10.75 16.97
CA SER B 346 20.24 11.10 18.33
C SER B 346 19.01 11.61 19.09
N GLU B 347 18.21 12.45 18.44
CA GLU B 347 17.15 13.19 19.11
C GLU B 347 15.80 12.48 19.09
N TYR B 348 15.64 11.47 18.24
CA TYR B 348 14.34 10.81 18.06
C TYR B 348 14.42 9.29 17.97
N GLY B 349 15.59 8.72 17.78
CA GLY B 349 15.68 7.30 17.51
C GLY B 349 15.20 6.92 16.12
N ASN B 350 15.10 5.61 15.86
CA ASN B 350 14.67 5.07 14.57
C ASN B 350 13.15 5.02 14.50
N MET B 351 12.56 6.06 13.90
CA MET B 351 11.14 6.19 13.64
C MET B 351 10.73 5.59 12.29
N SER B 352 11.47 4.59 11.85
CA SER B 352 11.14 3.86 10.63
C SER B 352 10.94 4.86 9.47
N SER B 353 9.89 4.70 8.68
CA SER B 353 9.72 5.49 7.46
C SER B 353 9.79 7.01 7.68
N ALA B 354 9.40 7.49 8.86
CA ALA B 354 9.41 8.94 9.07
C ALA B 354 10.80 9.58 9.15
N CYS B 355 11.84 8.80 9.46
CA CYS B 355 13.15 9.38 9.75
C CYS B 355 13.62 10.28 8.63
N VAL B 356 13.56 9.79 7.39
CA VAL B 356 14.18 10.58 6.30
C VAL B 356 13.45 11.92 6.11
N LEU B 357 12.17 11.97 6.46
CA LEU B 357 11.44 13.24 6.34
C LEU B 357 11.81 14.20 7.49
N PHE B 358 11.99 13.65 8.71
CA PHE B 358 12.53 14.46 9.80
C PHE B 358 13.89 15.03 9.42
N ILE B 359 14.73 14.20 8.80
CA ILE B 359 16.08 14.64 8.41
C ILE B 359 16.02 15.75 7.35
N MET B 360 15.14 15.55 6.36
CA MET B 360 14.91 16.59 5.35
C MET B 360 14.51 17.93 5.98
N ASP B 361 13.61 17.88 6.97
CA ASP B 361 13.19 19.08 7.69
C ASP B 361 14.35 19.71 8.48
N HIS B 362 15.08 18.88 9.22
CA HIS B 362 16.23 19.37 9.96
C HIS B 362 17.25 20.02 9.04
N MET B 363 17.51 19.40 7.89
CA MET B 363 18.52 19.93 6.97
C MET B 363 18.13 21.30 6.43
N ARG B 364 16.91 21.45 5.96
CA ARG B 364 16.51 22.74 5.44
C ARG B 364 16.55 23.82 6.54
N ARG B 365 16.21 23.47 7.78
CA ARG B 365 16.16 24.43 8.88
C ARG B 365 17.57 24.82 9.33
N MET B 366 18.47 23.86 9.41
CA MET B 366 19.85 24.19 9.75
C MET B 366 20.51 24.99 8.65
N SER B 367 20.21 24.68 7.40
CA SER B 367 20.76 25.44 6.28
C SER B 367 20.33 26.92 6.34
N ALA B 368 19.08 27.17 6.63
CA ALA B 368 18.60 28.53 6.81
C ALA B 368 19.24 29.20 8.03
N GLN B 369 19.31 28.49 9.15
CA GLN B 369 19.87 29.02 10.38
C GLN B 369 21.33 29.42 10.23
N ASN B 370 22.08 28.65 9.44
CA ASN B 370 23.50 28.92 9.24
C ASN B 370 23.79 29.72 7.96
N LYS B 371 22.75 30.30 7.37
CA LYS B 371 22.89 31.21 6.23
C LYS B 371 23.64 30.59 5.05
N LEU B 372 23.29 29.35 4.74
CA LEU B 372 23.89 28.65 3.61
C LEU B 372 23.14 28.99 2.33
N GLN B 373 23.74 28.65 1.20
CA GLN B 373 23.23 29.10 -0.08
C GLN B 373 22.03 28.33 -0.59
N THR B 374 21.81 27.14 -0.04
CA THR B 374 20.69 26.30 -0.45
C THR B 374 20.16 25.53 0.74
N THR B 375 18.97 24.98 0.58
CA THR B 375 18.33 24.17 1.61
C THR B 375 19.05 22.84 1.86
N GLY B 376 19.96 22.48 0.94
CA GLY B 376 20.70 21.24 1.00
C GLY B 376 22.15 21.47 1.39
N GLU B 377 22.34 22.17 2.50
CA GLU B 377 23.66 22.44 3.05
C GLU B 377 24.52 23.23 2.08
N GLY B 378 23.90 24.02 1.21
CA GLY B 378 24.60 24.86 0.26
C GLY B 378 24.95 24.17 -1.05
N LEU B 379 24.58 22.89 -1.14
CA LEU B 379 24.86 22.08 -2.32
C LEU B 379 23.60 21.98 -3.20
N ASP B 380 23.78 21.67 -4.47
CA ASP B 380 22.67 21.66 -5.44
C ASP B 380 21.91 20.34 -5.42
N TRP B 381 22.64 19.23 -5.44
CA TRP B 381 22.04 17.90 -5.54
C TRP B 381 22.23 17.06 -4.29
N GLY B 382 21.29 16.14 -4.06
CA GLY B 382 21.34 15.29 -2.90
C GLY B 382 20.69 13.93 -3.13
N VAL B 383 20.92 13.03 -2.19
CA VAL B 383 20.34 11.70 -2.25
C VAL B 383 19.63 11.40 -0.95
N LEU B 384 18.46 10.82 -1.09
CA LEU B 384 17.70 10.32 0.04
C LEU B 384 17.62 8.81 -0.11
N LEU B 385 17.93 8.08 0.95
CA LEU B 385 18.04 6.64 0.95
C LEU B 385 17.19 6.01 2.05
N GLY B 386 16.31 5.11 1.68
CA GLY B 386 15.62 4.24 2.63
C GLY B 386 16.16 2.83 2.57
N PHE B 387 16.24 2.17 3.73
CA PHE B 387 16.78 0.82 3.85
C PHE B 387 15.79 -0.03 4.63
N GLY B 388 15.49 -1.24 4.15
CA GLY B 388 14.52 -2.09 4.81
C GLY B 388 14.44 -3.49 4.23
N PRO B 389 13.38 -4.24 4.57
CA PRO B 389 13.23 -5.62 4.13
C PRO B 389 13.43 -5.81 2.64
N GLY B 390 14.17 -6.85 2.27
CA GLY B 390 14.40 -7.17 0.88
C GLY B 390 15.70 -7.92 0.56
N LEU B 391 16.86 -7.35 0.91
CA LEU B 391 17.07 -6.04 1.48
C LEU B 391 16.86 -4.98 0.40
N THR B 392 15.91 -4.08 0.63
CA THR B 392 15.55 -3.05 -0.33
C THR B 392 16.22 -1.72 0.03
N VAL B 393 16.85 -1.11 -0.97
CA VAL B 393 17.27 0.28 -0.91
C VAL B 393 16.36 1.09 -1.82
N GLU B 394 15.73 2.12 -1.27
CA GLU B 394 15.02 3.14 -2.02
C GLU B 394 15.90 4.37 -2.18
N THR B 395 16.09 4.83 -3.41
CA THR B 395 16.89 5.99 -3.73
C THR B 395 16.03 7.07 -4.38
N VAL B 396 16.14 8.28 -3.86
CA VAL B 396 15.47 9.43 -4.46
C VAL B 396 16.52 10.52 -4.63
N LEU B 397 16.71 11.00 -5.85
CA LEU B 397 17.58 12.12 -6.10
C LEU B 397 16.81 13.43 -5.95
N LEU B 398 17.40 14.33 -5.17
CA LEU B 398 16.81 15.59 -4.78
C LEU B 398 17.61 16.76 -5.33
N LYS B 399 16.92 17.83 -5.68
CA LYS B 399 17.58 19.12 -5.87
C LYS B 399 17.18 20.06 -4.72
N SER B 400 18.14 20.82 -4.21
CA SER B 400 17.84 21.85 -3.24
C SER B 400 17.21 23.10 -3.88
N ILE B 401 16.80 24.02 -3.03
CA ILE B 401 16.29 25.32 -3.41
C ILE B 401 17.21 26.40 -2.85
N ARG B 402 17.50 27.40 -3.66
CA ARG B 402 18.41 28.48 -3.25
C ARG B 402 17.81 29.32 -2.13
N LEU B 403 18.63 29.70 -1.16
CA LEU B 403 18.21 30.58 -0.06
C LEU B 403 18.79 31.97 -0.20
N ALA B 404 18.11 32.95 0.39
CA ALA B 404 18.55 34.34 0.37
C ALA B 404 19.92 34.46 1.02
#